data_7L33
# 
_entry.id   7L33 
# 
_audit_conform.dict_name       mmcif_pdbx.dic 
_audit_conform.dict_version    5.398 
_audit_conform.dict_location   http://mmcif.pdb.org/dictionaries/ascii/mmcif_pdbx.dic 
# 
loop_
_database_2.database_id 
_database_2.database_code 
_database_2.pdbx_database_accession 
_database_2.pdbx_DOI 
PDB   7L33         pdb_00007l33 10.2210/pdb7l33/pdb 
WWPDB D_1000253487 ?            ?                   
# 
loop_
_pdbx_audit_revision_history.ordinal 
_pdbx_audit_revision_history.data_content_type 
_pdbx_audit_revision_history.major_revision 
_pdbx_audit_revision_history.minor_revision 
_pdbx_audit_revision_history.revision_date 
1 'Structure model' 1 0 2021-08-11 
2 'Structure model' 1 1 2023-10-18 
3 'Structure model' 1 2 2024-11-06 
# 
_pdbx_audit_revision_details.ordinal             1 
_pdbx_audit_revision_details.revision_ordinal    1 
_pdbx_audit_revision_details.data_content_type   'Structure model' 
_pdbx_audit_revision_details.provider            repository 
_pdbx_audit_revision_details.type                'Initial release' 
_pdbx_audit_revision_details.description         ? 
_pdbx_audit_revision_details.details             ? 
# 
loop_
_pdbx_audit_revision_group.ordinal 
_pdbx_audit_revision_group.revision_ordinal 
_pdbx_audit_revision_group.data_content_type 
_pdbx_audit_revision_group.group 
1 2 'Structure model' 'Data collection'        
2 2 'Structure model' 'Refinement description' 
3 3 'Structure model' 'Structure summary'      
# 
loop_
_pdbx_audit_revision_category.ordinal 
_pdbx_audit_revision_category.revision_ordinal 
_pdbx_audit_revision_category.data_content_type 
_pdbx_audit_revision_category.category 
1 2 'Structure model' chem_comp_atom                
2 2 'Structure model' chem_comp_bond                
3 2 'Structure model' pdbx_initial_refinement_model 
4 2 'Structure model' struct_ncs_dom_lim            
5 3 'Structure model' pdbx_entry_details            
6 3 'Structure model' pdbx_modification_feature     
# 
loop_
_pdbx_audit_revision_item.ordinal 
_pdbx_audit_revision_item.revision_ordinal 
_pdbx_audit_revision_item.data_content_type 
_pdbx_audit_revision_item.item 
1 2 'Structure model' '_struct_ncs_dom_lim.beg_auth_comp_id'         
2 2 'Structure model' '_struct_ncs_dom_lim.beg_label_asym_id'        
3 2 'Structure model' '_struct_ncs_dom_lim.beg_label_comp_id'        
4 2 'Structure model' '_struct_ncs_dom_lim.beg_label_seq_id'         
5 2 'Structure model' '_struct_ncs_dom_lim.end_auth_comp_id'         
6 2 'Structure model' '_struct_ncs_dom_lim.end_label_asym_id'        
7 2 'Structure model' '_struct_ncs_dom_lim.end_label_comp_id'        
8 2 'Structure model' '_struct_ncs_dom_lim.end_label_seq_id'         
9 3 'Structure model' '_pdbx_entry_details.has_protein_modification' 
# 
_pdbx_database_status.status_code                     REL 
_pdbx_database_status.status_code_sf                  REL 
_pdbx_database_status.status_code_mr                  ? 
_pdbx_database_status.entry_id                        7L33 
_pdbx_database_status.recvd_initial_deposition_date   2020-12-17 
_pdbx_database_status.SG_entry                        N 
_pdbx_database_status.deposit_site                    RCSB 
_pdbx_database_status.process_site                    RCSB 
_pdbx_database_status.status_code_cs                  ? 
_pdbx_database_status.status_code_nmr_data            ? 
_pdbx_database_status.methods_development_category    ? 
_pdbx_database_status.pdb_format_compatible           Y 
# 
loop_
_audit_author.name 
_audit_author.pdbx_ordinal 
_audit_author.identifier_ORCID 
'Chakraborty, S.' 1 ? 
'Wawrzak, Z.'     2 ? 
'Prasad, P.'      3 ? 
'Mitra, S.'       4 ? 
'Prakash, D.'     5 ? 
# 
_citation.abstract                  ? 
_citation.abstract_id_CAS           ? 
_citation.book_id_ISBN              ? 
_citation.book_publisher            ? 
_citation.book_publisher_city       ? 
_citation.book_title                ? 
_citation.coordinate_linkage        ? 
_citation.country                   US 
_citation.database_id_Medline       ? 
_citation.details                   ? 
_citation.id                        primary 
_citation.journal_abbrev            'Acs Catalysis' 
_citation.journal_id_ASTM           ? 
_citation.journal_id_CSD            ? 
_citation.journal_id_ISSN           2155-5435 
_citation.journal_full              ? 
_citation.journal_issue             ? 
_citation.journal_volume            11 
_citation.language                  ? 
_citation.page_first                10267 
_citation.page_last                 10278 
_citation.title                     
'De Novo Design of a Self-Assembled Artificial Copper Peptide that Activates and Reduces Peroxide' 
_citation.year                      2021 
_citation.database_id_CSD           ? 
_citation.pdbx_database_id_DOI      10.1021/acscatal.1c02132 
_citation.pdbx_database_id_PubMed   ? 
_citation.unpublished_flag          ? 
# 
loop_
_citation_author.citation_id 
_citation_author.name 
_citation_author.ordinal 
_citation_author.identifier_ORCID 
primary 'Mitra, S.'          1  ? 
primary 'Prakash, D.'        2  ? 
primary 'Rajabimoghadam, K.' 3  ? 
primary 'Wawrzak, Z.'        4  ? 
primary 'Prasad, P.'         5  ? 
primary 'Wu, T.'             6  ? 
primary 'Misra, S.K.'        7  ? 
primary 'Sharp, J.S.'        8  ? 
primary 'Garcia-Bosch, I.'   9  ? 
primary 'Chakraborty, S.'    10 ? 
# 
loop_
_entity.id 
_entity.type 
_entity.src_method 
_entity.pdbx_description 
_entity.formula_weight 
_entity.pdbx_number_of_molecules 
_entity.pdbx_ec 
_entity.pdbx_mutation 
_entity.pdbx_fragment 
_entity.details 
1 polymer     syn Cu-3SCC           3258.809 3  ? ? ? ? 
2 non-polymer syn 'COPPER (II) ION' 63.546   3  ? ? ? ? 
3 water       nat water             18.015   13 ? ? ? ? 
# 
_entity_poly.entity_id                      1 
_entity_poly.type                           'polypeptide(L)' 
_entity_poly.nstd_linkage                   no 
_entity_poly.nstd_monomer                   yes 
_entity_poly.pdbx_seq_one_letter_code       '(ACE)GIAAIKQEHAAIKQEIAAIKQEIAAIKWEG(NH2)' 
_entity_poly.pdbx_seq_one_letter_code_can   XGIAAIKQEHAAIKQEIAAIKQEIAAIKWEGX 
_entity_poly.pdbx_strand_id                 A,B,C 
_entity_poly.pdbx_target_identifier         ? 
# 
loop_
_pdbx_entity_nonpoly.entity_id 
_pdbx_entity_nonpoly.name 
_pdbx_entity_nonpoly.comp_id 
2 'COPPER (II) ION' CU  
3 water             HOH 
# 
loop_
_entity_poly_seq.entity_id 
_entity_poly_seq.num 
_entity_poly_seq.mon_id 
_entity_poly_seq.hetero 
1 1  ACE n 
1 2  GLY n 
1 3  ILE n 
1 4  ALA n 
1 5  ALA n 
1 6  ILE n 
1 7  LYS n 
1 8  GLN n 
1 9  GLU n 
1 10 HIS n 
1 11 ALA n 
1 12 ALA n 
1 13 ILE n 
1 14 LYS n 
1 15 GLN n 
1 16 GLU n 
1 17 ILE n 
1 18 ALA n 
1 19 ALA n 
1 20 ILE n 
1 21 LYS n 
1 22 GLN n 
1 23 GLU n 
1 24 ILE n 
1 25 ALA n 
1 26 ALA n 
1 27 ILE n 
1 28 LYS n 
1 29 TRP n 
1 30 GLU n 
1 31 GLY n 
1 32 NH2 n 
# 
_pdbx_entity_src_syn.entity_id              1 
_pdbx_entity_src_syn.pdbx_src_id            1 
_pdbx_entity_src_syn.pdbx_alt_source_flag   sample 
_pdbx_entity_src_syn.pdbx_beg_seq_num       1 
_pdbx_entity_src_syn.pdbx_end_seq_num       32 
_pdbx_entity_src_syn.organism_scientific    'synthetic construct' 
_pdbx_entity_src_syn.organism_common_name   ? 
_pdbx_entity_src_syn.ncbi_taxonomy_id       32630 
_pdbx_entity_src_syn.details                ? 
# 
loop_
_chem_comp.id 
_chem_comp.type 
_chem_comp.mon_nstd_flag 
_chem_comp.name 
_chem_comp.pdbx_synonyms 
_chem_comp.formula 
_chem_comp.formula_weight 
ACE non-polymer         . 'ACETYL GROUP'    ? 'C2 H4 O'        44.053  
ALA 'L-peptide linking' y ALANINE           ? 'C3 H7 N O2'     89.093  
CU  non-polymer         . 'COPPER (II) ION' ? 'Cu 2'           63.546  
GLN 'L-peptide linking' y GLUTAMINE         ? 'C5 H10 N2 O3'   146.144 
GLU 'L-peptide linking' y 'GLUTAMIC ACID'   ? 'C5 H9 N O4'     147.129 
GLY 'peptide linking'   y GLYCINE           ? 'C2 H5 N O2'     75.067  
HIS 'L-peptide linking' y HISTIDINE         ? 'C6 H10 N3 O2 1' 156.162 
HOH non-polymer         . WATER             ? 'H2 O'           18.015  
ILE 'L-peptide linking' y ISOLEUCINE        ? 'C6 H13 N O2'    131.173 
LYS 'L-peptide linking' y LYSINE            ? 'C6 H15 N2 O2 1' 147.195 
NH2 non-polymer         . 'AMINO GROUP'     ? 'H2 N'           16.023  
TRP 'L-peptide linking' y TRYPTOPHAN        ? 'C11 H12 N2 O2'  204.225 
# 
loop_
_pdbx_poly_seq_scheme.asym_id 
_pdbx_poly_seq_scheme.entity_id 
_pdbx_poly_seq_scheme.seq_id 
_pdbx_poly_seq_scheme.mon_id 
_pdbx_poly_seq_scheme.ndb_seq_num 
_pdbx_poly_seq_scheme.pdb_seq_num 
_pdbx_poly_seq_scheme.auth_seq_num 
_pdbx_poly_seq_scheme.pdb_mon_id 
_pdbx_poly_seq_scheme.auth_mon_id 
_pdbx_poly_seq_scheme.pdb_strand_id 
_pdbx_poly_seq_scheme.pdb_ins_code 
_pdbx_poly_seq_scheme.hetero 
A 1 1  ACE 1  0  0  ACE ACE A . n 
A 1 2  GLY 2  1  1  GLY GLY A . n 
A 1 3  ILE 3  2  2  ILE ILE A . n 
A 1 4  ALA 4  3  3  ALA ALA A . n 
A 1 5  ALA 5  4  4  ALA ALA A . n 
A 1 6  ILE 6  5  5  ILE ILE A . n 
A 1 7  LYS 7  6  6  LYS LYS A . n 
A 1 8  GLN 8  7  7  GLN GLN A . n 
A 1 9  GLU 9  8  8  GLU GLU A . n 
A 1 10 HIS 10 9  9  HIS HIS A . n 
A 1 11 ALA 11 10 10 ALA ALA A . n 
A 1 12 ALA 12 11 11 ALA ALA A . n 
A 1 13 ILE 13 12 12 ILE ILE A . n 
A 1 14 LYS 14 13 13 LYS LYS A . n 
A 1 15 GLN 15 14 14 GLN GLN A . n 
A 1 16 GLU 16 15 15 GLU GLU A . n 
A 1 17 ILE 17 16 16 ILE ILE A . n 
A 1 18 ALA 18 17 17 ALA ALA A . n 
A 1 19 ALA 19 18 18 ALA ALA A . n 
A 1 20 ILE 20 19 19 ILE ILE A . n 
A 1 21 LYS 21 20 20 LYS LYS A . n 
A 1 22 GLN 22 21 21 GLN GLN A . n 
A 1 23 GLU 23 22 22 GLU GLU A . n 
A 1 24 ILE 24 23 23 ILE ILE A . n 
A 1 25 ALA 25 24 24 ALA ALA A . n 
A 1 26 ALA 26 25 25 ALA ALA A . n 
A 1 27 ILE 27 26 26 ILE ILE A . n 
A 1 28 LYS 28 27 27 LYS LYS A . n 
A 1 29 TRP 29 28 28 TRP TRP A . n 
A 1 30 GLU 30 29 29 GLU GLU A . n 
A 1 31 GLY 31 30 30 GLY GLY A . n 
A 1 32 NH2 32 31 30 NH2 NH2 A . n 
B 1 1  ACE 1  0  0  ACE ACE B . n 
B 1 2  GLY 2  1  1  GLY GLY B . n 
B 1 3  ILE 3  2  2  ILE ILE B . n 
B 1 4  ALA 4  3  3  ALA ALA B . n 
B 1 5  ALA 5  4  4  ALA ALA B . n 
B 1 6  ILE 6  5  5  ILE ILE B . n 
B 1 7  LYS 7  6  6  LYS LYS B . n 
B 1 8  GLN 8  7  7  GLN GLN B . n 
B 1 9  GLU 9  8  8  GLU GLU B . n 
B 1 10 HIS 10 9  9  HIS HIS B . n 
B 1 11 ALA 11 10 10 ALA ALA B . n 
B 1 12 ALA 12 11 11 ALA ALA B . n 
B 1 13 ILE 13 12 12 ILE ILE B . n 
B 1 14 LYS 14 13 13 LYS LYS B . n 
B 1 15 GLN 15 14 14 GLN GLN B . n 
B 1 16 GLU 16 15 15 GLU GLU B . n 
B 1 17 ILE 17 16 16 ILE ILE B . n 
B 1 18 ALA 18 17 17 ALA ALA B . n 
B 1 19 ALA 19 18 18 ALA ALA B . n 
B 1 20 ILE 20 19 19 ILE ILE B . n 
B 1 21 LYS 21 20 20 LYS LYS B . n 
B 1 22 GLN 22 21 21 GLN GLN B . n 
B 1 23 GLU 23 22 22 GLU GLU B . n 
B 1 24 ILE 24 23 23 ILE ILE B . n 
B 1 25 ALA 25 24 24 ALA ALA B . n 
B 1 26 ALA 26 25 25 ALA ALA B . n 
B 1 27 ILE 27 26 26 ILE ILE B . n 
B 1 28 LYS 28 27 27 LYS LYS B . n 
B 1 29 TRP 29 28 28 TRP TRP B . n 
B 1 30 GLU 30 29 29 GLU GLU B . n 
B 1 31 GLY 31 30 30 GLY GLY B . n 
B 1 32 NH2 32 31 ?  ?   ?   B . n 
C 1 1  ACE 1  0  0  ACE ACE C . n 
C 1 2  GLY 2  1  1  GLY GLY C . n 
C 1 3  ILE 3  2  2  ILE ILE C . n 
C 1 4  ALA 4  3  3  ALA ALA C . n 
C 1 5  ALA 5  4  4  ALA ALA C . n 
C 1 6  ILE 6  5  5  ILE ILE C . n 
C 1 7  LYS 7  6  6  LYS LYS C . n 
C 1 8  GLN 8  7  7  GLN GLN C . n 
C 1 9  GLU 9  8  8  GLU GLU C . n 
C 1 10 HIS 10 9  9  HIS HIS C . n 
C 1 11 ALA 11 10 10 ALA ALA C . n 
C 1 12 ALA 12 11 11 ALA ALA C . n 
C 1 13 ILE 13 12 12 ILE ILE C . n 
C 1 14 LYS 14 13 13 LYS LYS C . n 
C 1 15 GLN 15 14 14 GLN GLN C . n 
C 1 16 GLU 16 15 15 GLU GLU C . n 
C 1 17 ILE 17 16 16 ILE ILE C . n 
C 1 18 ALA 18 17 17 ALA ALA C . n 
C 1 19 ALA 19 18 18 ALA ALA C . n 
C 1 20 ILE 20 19 19 ILE ILE C . n 
C 1 21 LYS 21 20 20 LYS LYS C . n 
C 1 22 GLN 22 21 21 GLN GLN C . n 
C 1 23 GLU 23 22 22 GLU GLU C . n 
C 1 24 ILE 24 23 23 ILE ILE C . n 
C 1 25 ALA 25 24 24 ALA ALA C . n 
C 1 26 ALA 26 25 25 ALA ALA C . n 
C 1 27 ILE 27 26 26 ILE ILE C . n 
C 1 28 LYS 28 27 27 LYS LYS C . n 
C 1 29 TRP 29 28 28 TRP TRP C . n 
C 1 30 GLU 30 29 29 GLU GLU C . n 
C 1 31 GLY 31 30 30 GLY GLY C . n 
C 1 32 NH2 32 31 30 NH2 NH2 C . n 
# 
_pdbx_entity_instance_feature.ordinal        1 
_pdbx_entity_instance_feature.comp_id        CU 
_pdbx_entity_instance_feature.asym_id        ? 
_pdbx_entity_instance_feature.seq_num        ? 
_pdbx_entity_instance_feature.auth_comp_id   CU 
_pdbx_entity_instance_feature.auth_asym_id   ? 
_pdbx_entity_instance_feature.auth_seq_num   ? 
_pdbx_entity_instance_feature.feature_type   'SUBJECT OF INVESTIGATION' 
_pdbx_entity_instance_feature.details        ? 
# 
loop_
_pdbx_nonpoly_scheme.asym_id 
_pdbx_nonpoly_scheme.entity_id 
_pdbx_nonpoly_scheme.mon_id 
_pdbx_nonpoly_scheme.ndb_seq_num 
_pdbx_nonpoly_scheme.pdb_seq_num 
_pdbx_nonpoly_scheme.auth_seq_num 
_pdbx_nonpoly_scheme.pdb_mon_id 
_pdbx_nonpoly_scheme.auth_mon_id 
_pdbx_nonpoly_scheme.pdb_strand_id 
_pdbx_nonpoly_scheme.pdb_ins_code 
D 2 CU  1 101 1  CU  CU  A . 
E 2 CU  1 101 3  CU  CU  B . 
F 2 CU  1 101 2  CU  CU  C . 
G 3 HOH 1 201 5  HOH HOH A . 
G 3 HOH 2 202 7  HOH HOH A . 
G 3 HOH 3 203 1  HOH HOH A . 
G 3 HOH 4 204 2  HOH HOH A . 
G 3 HOH 5 205 3  HOH HOH A . 
G 3 HOH 6 206 13 HOH HOH A . 
H 3 HOH 1 201 6  HOH HOH B . 
H 3 HOH 2 202 12 HOH HOH B . 
H 3 HOH 3 203 10 HOH HOH B . 
H 3 HOH 4 204 9  HOH HOH B . 
H 3 HOH 5 205 4  HOH HOH B . 
I 3 HOH 1 201 11 HOH HOH C . 
I 3 HOH 2 202 8  HOH HOH C . 
# 
loop_
_pdbx_unobs_or_zero_occ_atoms.id 
_pdbx_unobs_or_zero_occ_atoms.PDB_model_num 
_pdbx_unobs_or_zero_occ_atoms.polymer_flag 
_pdbx_unobs_or_zero_occ_atoms.occupancy_flag 
_pdbx_unobs_or_zero_occ_atoms.auth_asym_id 
_pdbx_unobs_or_zero_occ_atoms.auth_comp_id 
_pdbx_unobs_or_zero_occ_atoms.auth_seq_id 
_pdbx_unobs_or_zero_occ_atoms.PDB_ins_code 
_pdbx_unobs_or_zero_occ_atoms.auth_atom_id 
_pdbx_unobs_or_zero_occ_atoms.label_alt_id 
_pdbx_unobs_or_zero_occ_atoms.label_asym_id 
_pdbx_unobs_or_zero_occ_atoms.label_comp_id 
_pdbx_unobs_or_zero_occ_atoms.label_seq_id 
_pdbx_unobs_or_zero_occ_atoms.label_atom_id 
1  1 Y 1 A LYS 13 ? CD  ? A LYS 14 CD  
2  1 Y 1 A LYS 13 ? CE  ? A LYS 14 CE  
3  1 Y 1 A LYS 13 ? NZ  ? A LYS 14 NZ  
4  1 Y 1 B LYS 6  ? CD  ? B LYS 7  CD  
5  1 Y 1 B LYS 6  ? CE  ? B LYS 7  CE  
6  1 Y 1 B LYS 6  ? NZ  ? B LYS 7  NZ  
7  1 Y 1 B GLN 7  ? CG  ? B GLN 8  CG  
8  1 Y 1 B GLN 7  ? CD  ? B GLN 8  CD  
9  1 Y 1 B GLN 7  ? OE1 ? B GLN 8  OE1 
10 1 Y 1 B GLN 7  ? NE2 ? B GLN 8  NE2 
11 1 Y 1 B GLU 8  ? CD  ? B GLU 9  CD  
12 1 Y 1 B GLU 8  ? OE1 ? B GLU 9  OE1 
13 1 Y 1 B GLU 8  ? OE2 ? B GLU 9  OE2 
14 1 Y 1 B ILE 12 ? CD1 ? B ILE 13 CD1 
15 1 Y 1 B LYS 13 ? CE  ? B LYS 14 CE  
16 1 Y 1 B LYS 13 ? NZ  ? B LYS 14 NZ  
17 1 Y 1 C LYS 6  ? CE  ? C LYS 7  CE  
18 1 Y 1 C LYS 6  ? NZ  ? C LYS 7  NZ  
19 1 Y 1 C GLN 7  ? OE1 ? C GLN 8  OE1 
20 1 Y 1 C LYS 13 ? CD  ? C LYS 14 CD  
21 1 Y 1 C LYS 13 ? CE  ? C LYS 14 CE  
22 1 Y 1 C LYS 13 ? NZ  ? C LYS 14 NZ  
# 
loop_
_software.citation_id 
_software.classification 
_software.compiler_name 
_software.compiler_version 
_software.contact_author 
_software.contact_author_email 
_software.date 
_software.description 
_software.dependencies 
_software.hardware 
_software.language 
_software.location 
_software.mods 
_software.name 
_software.os 
_software.os_version 
_software.type 
_software.version 
_software.pdbx_ordinal 
? 'data scaling'    ? ? ? ? ? ? ? ? ? ? ? Aimless     ? ? ? 0.7.4     1 
? refinement        ? ? ? ? ? ? ? ? ? ? ? PHENIX      ? ? ? 1.14_3260 2 
? 'data extraction' ? ? ? ? ? ? ? ? ? ? ? PDB_EXTRACT ? ? ? 3.27      3 
? 'data reduction'  ? ? ? ? ? ? ? ? ? ? ? XDS         ? ? ? .         4 
? phasing           ? ? ? ? ? ? ? ? ? ? ? PHASER      ? ? ? .         5 
# 
_cell.angle_alpha                  90.000 
_cell.angle_alpha_esd              ? 
_cell.angle_beta                   90.000 
_cell.angle_beta_esd               ? 
_cell.angle_gamma                  120.000 
_cell.angle_gamma_esd              ? 
_cell.entry_id                     7L33 
_cell.details                      ? 
_cell.formula_units_Z              ? 
_cell.length_a                     39.260 
_cell.length_a_esd                 ? 
_cell.length_b                     39.260 
_cell.length_b_esd                 ? 
_cell.length_c                     83.630 
_cell.length_c_esd                 ? 
_cell.volume                       ? 
_cell.volume_esd                   ? 
_cell.Z_PDB                        18 
_cell.reciprocal_angle_alpha       ? 
_cell.reciprocal_angle_beta        ? 
_cell.reciprocal_angle_gamma       ? 
_cell.reciprocal_angle_alpha_esd   ? 
_cell.reciprocal_angle_beta_esd    ? 
_cell.reciprocal_angle_gamma_esd   ? 
_cell.reciprocal_length_a          ? 
_cell.reciprocal_length_b          ? 
_cell.reciprocal_length_c          ? 
_cell.reciprocal_length_a_esd      ? 
_cell.reciprocal_length_b_esd      ? 
_cell.reciprocal_length_c_esd      ? 
_cell.pdbx_unique_axis             ? 
# 
_symmetry.entry_id                         7L33 
_symmetry.cell_setting                     ? 
_symmetry.Int_Tables_number                173 
_symmetry.space_group_name_Hall            ? 
_symmetry.space_group_name_H-M             'P 63' 
_symmetry.pdbx_full_space_group_name_H-M   ? 
# 
_exptl.absorpt_coefficient_mu     ? 
_exptl.absorpt_correction_T_max   ? 
_exptl.absorpt_correction_T_min   ? 
_exptl.absorpt_correction_type    ? 
_exptl.absorpt_process_details    ? 
_exptl.entry_id                   7L33 
_exptl.crystals_number            1 
_exptl.details                    ? 
_exptl.method                     'X-RAY DIFFRACTION' 
_exptl.method_details             ? 
# 
_exptl_crystal.colour                      ? 
_exptl_crystal.density_diffrn              ? 
_exptl_crystal.density_Matthews            1.90 
_exptl_crystal.density_method              ? 
_exptl_crystal.density_percent_sol         35.36 
_exptl_crystal.description                 ? 
_exptl_crystal.F_000                       ? 
_exptl_crystal.id                          1 
_exptl_crystal.preparation                 ? 
_exptl_crystal.size_max                    ? 
_exptl_crystal.size_mid                    ? 
_exptl_crystal.size_min                    ? 
_exptl_crystal.size_rad                    ? 
_exptl_crystal.colour_lustre               ? 
_exptl_crystal.colour_modifier             ? 
_exptl_crystal.colour_primary              ? 
_exptl_crystal.density_meas                ? 
_exptl_crystal.density_meas_esd            ? 
_exptl_crystal.density_meas_gt             ? 
_exptl_crystal.density_meas_lt             ? 
_exptl_crystal.density_meas_temp           ? 
_exptl_crystal.density_meas_temp_esd       ? 
_exptl_crystal.density_meas_temp_gt        ? 
_exptl_crystal.density_meas_temp_lt        ? 
_exptl_crystal.pdbx_crystal_image_url      ? 
_exptl_crystal.pdbx_crystal_image_format   ? 
_exptl_crystal.pdbx_mosaicity              ? 
_exptl_crystal.pdbx_mosaicity_esd          ? 
# 
_exptl_crystal_grow.apparatus       ? 
_exptl_crystal_grow.atmosphere      ? 
_exptl_crystal_grow.crystal_id      1 
_exptl_crystal_grow.details         ? 
_exptl_crystal_grow.method          'VAPOR DIFFUSION, HANGING DROP' 
_exptl_crystal_grow.method_ref      ? 
_exptl_crystal_grow.pH              ? 
_exptl_crystal_grow.pressure        ? 
_exptl_crystal_grow.pressure_esd    ? 
_exptl_crystal_grow.seeding         ? 
_exptl_crystal_grow.seeding_ref     ? 
_exptl_crystal_grow.temp            298 
_exptl_crystal_grow.temp_details    ? 
_exptl_crystal_grow.temp_esd        ? 
_exptl_crystal_grow.time            ? 
_exptl_crystal_grow.pdbx_details    '0.1 M Tris pH 8.5, 0.2 M MgCl2.6H20, 30% PEG 4000' 
_exptl_crystal_grow.pdbx_pH_range   ? 
# 
_diffrn.ambient_environment              ? 
_diffrn.ambient_temp                     100 
_diffrn.ambient_temp_details             ? 
_diffrn.ambient_temp_esd                 ? 
_diffrn.crystal_id                       1 
_diffrn.crystal_support                  ? 
_diffrn.crystal_treatment                ? 
_diffrn.details                          ? 
_diffrn.id                               1 
_diffrn.ambient_pressure                 ? 
_diffrn.ambient_pressure_esd             ? 
_diffrn.ambient_pressure_gt              ? 
_diffrn.ambient_pressure_lt              ? 
_diffrn.ambient_temp_gt                  ? 
_diffrn.ambient_temp_lt                  ? 
_diffrn.pdbx_serial_crystal_experiment   N 
# 
_diffrn_detector.details                      ? 
_diffrn_detector.detector                     CCD 
_diffrn_detector.diffrn_id                    1 
_diffrn_detector.type                         'MARMOSAIC 300 mm CCD' 
_diffrn_detector.area_resol_mean              ? 
_diffrn_detector.dtime                        ? 
_diffrn_detector.pdbx_frames_total            ? 
_diffrn_detector.pdbx_collection_time_total   ? 
_diffrn_detector.pdbx_collection_date         2020-06-27 
_diffrn_detector.pdbx_frequency               ? 
# 
_diffrn_radiation.collimation                      ? 
_diffrn_radiation.diffrn_id                        1 
_diffrn_radiation.filter_edge                      ? 
_diffrn_radiation.inhomogeneity                    ? 
_diffrn_radiation.monochromator                    ? 
_diffrn_radiation.polarisn_norm                    ? 
_diffrn_radiation.polarisn_ratio                   ? 
_diffrn_radiation.probe                            ? 
_diffrn_radiation.type                             ? 
_diffrn_radiation.xray_symbol                      ? 
_diffrn_radiation.wavelength_id                    1 
_diffrn_radiation.pdbx_monochromatic_or_laue_m_l   M 
_diffrn_radiation.pdbx_wavelength_list             ? 
_diffrn_radiation.pdbx_wavelength                  ? 
_diffrn_radiation.pdbx_diffrn_protocol             'SINGLE WAVELENGTH' 
_diffrn_radiation.pdbx_analyzer                    ? 
_diffrn_radiation.pdbx_scattering_type             x-ray 
# 
_diffrn_radiation_wavelength.id           1 
_diffrn_radiation_wavelength.wavelength   0.97856 
_diffrn_radiation_wavelength.wt           1.0 
# 
_diffrn_source.current                     ? 
_diffrn_source.details                     ? 
_diffrn_source.diffrn_id                   1 
_diffrn_source.power                       ? 
_diffrn_source.size                        ? 
_diffrn_source.source                      SYNCHROTRON 
_diffrn_source.target                      ? 
_diffrn_source.type                        'APS BEAMLINE 21-ID-G' 
_diffrn_source.voltage                     ? 
_diffrn_source.take-off_angle              ? 
_diffrn_source.pdbx_wavelength_list        0.97856 
_diffrn_source.pdbx_wavelength             ? 
_diffrn_source.pdbx_synchrotron_beamline   21-ID-G 
_diffrn_source.pdbx_synchrotron_site       APS 
# 
_reflns.B_iso_Wilson_estimate            ? 
_reflns.entry_id                         7L33 
_reflns.data_reduction_details           ? 
_reflns.data_reduction_method            ? 
_reflns.d_resolution_high                1.450 
_reflns.d_resolution_low                 31.500 
_reflns.details                          ? 
_reflns.limit_h_max                      ? 
_reflns.limit_h_min                      ? 
_reflns.limit_k_max                      ? 
_reflns.limit_k_min                      ? 
_reflns.limit_l_max                      ? 
_reflns.limit_l_min                      ? 
_reflns.number_all                       ? 
_reflns.number_obs                       12815 
_reflns.observed_criterion               ? 
_reflns.observed_criterion_F_max         ? 
_reflns.observed_criterion_F_min         ? 
_reflns.observed_criterion_I_max         ? 
_reflns.observed_criterion_I_min         ? 
_reflns.observed_criterion_sigma_F       ? 
_reflns.observed_criterion_sigma_I       ? 
_reflns.percent_possible_obs             98.900 
_reflns.R_free_details                   ? 
_reflns.Rmerge_F_all                     ? 
_reflns.Rmerge_F_obs                     ? 
_reflns.Friedel_coverage                 ? 
_reflns.number_gt                        ? 
_reflns.threshold_expression             ? 
_reflns.pdbx_redundancy                  10.800 
_reflns.pdbx_Rmerge_I_obs                0.097 
_reflns.pdbx_Rmerge_I_all                ? 
_reflns.pdbx_Rsym_value                  ? 
_reflns.pdbx_netI_over_av_sigmaI         ? 
_reflns.pdbx_netI_over_sigmaI            10.200 
_reflns.pdbx_res_netI_over_av_sigmaI_2   ? 
_reflns.pdbx_res_netI_over_sigmaI_2      ? 
_reflns.pdbx_chi_squared                 ? 
_reflns.pdbx_scaling_rejects             ? 
_reflns.pdbx_d_res_high_opt              ? 
_reflns.pdbx_d_res_low_opt               ? 
_reflns.pdbx_d_res_opt_method            ? 
_reflns.phase_calculation_details        ? 
_reflns.pdbx_Rrim_I_all                  0.102 
_reflns.pdbx_Rpim_I_all                  0.031 
_reflns.pdbx_d_opt                       ? 
_reflns.pdbx_number_measured_all         138001 
_reflns.pdbx_diffrn_id                   1 
_reflns.pdbx_ordinal                     1 
_reflns.pdbx_CC_half                     0.998 
_reflns.pdbx_CC_star                     ? 
_reflns.pdbx_R_split                     ? 
# 
loop_
_reflns_shell.d_res_high 
_reflns_shell.d_res_low 
_reflns_shell.meanI_over_sigI_all 
_reflns_shell.meanI_over_sigI_obs 
_reflns_shell.number_measured_all 
_reflns_shell.number_measured_obs 
_reflns_shell.number_possible 
_reflns_shell.number_unique_all 
_reflns_shell.number_unique_obs 
_reflns_shell.percent_possible_all 
_reflns_shell.percent_possible_obs 
_reflns_shell.Rmerge_F_all 
_reflns_shell.Rmerge_F_obs 
_reflns_shell.Rmerge_I_all 
_reflns_shell.Rmerge_I_obs 
_reflns_shell.meanI_over_sigI_gt 
_reflns_shell.meanI_over_uI_all 
_reflns_shell.meanI_over_uI_gt 
_reflns_shell.number_measured_gt 
_reflns_shell.number_unique_gt 
_reflns_shell.percent_possible_gt 
_reflns_shell.Rmerge_F_gt 
_reflns_shell.Rmerge_I_gt 
_reflns_shell.pdbx_redundancy 
_reflns_shell.pdbx_Rsym_value 
_reflns_shell.pdbx_chi_squared 
_reflns_shell.pdbx_netI_over_sigmaI_all 
_reflns_shell.pdbx_netI_over_sigmaI_obs 
_reflns_shell.pdbx_Rrim_I_all 
_reflns_shell.pdbx_Rpim_I_all 
_reflns_shell.pdbx_rejects 
_reflns_shell.pdbx_ordinal 
_reflns_shell.pdbx_diffrn_id 
_reflns_shell.pdbx_CC_half 
_reflns_shell.pdbx_CC_star 
_reflns_shell.pdbx_R_split 
1.450 1.490  ? ? 6128 ? ? ? 853 90.800 ? ? ? ? 3.791 ? ? ? ? ? ? ? ? 7.200  ? ? ? 0.600  4.074 1.439 ? 1 1 0.372 ? ? 
6.480 31.500 ? ? 1546 ? ? ? 154 98.000 ? ? ? ? 0.074 ? ? ? ? ? ? ? ? 10.000 ? ? ? 30.000 0.078 0.025 ? 2 1 0.999 ? ? 
# 
_refine.aniso_B[1][1]                            ? 
_refine.aniso_B[1][2]                            ? 
_refine.aniso_B[1][3]                            ? 
_refine.aniso_B[2][2]                            ? 
_refine.aniso_B[2][3]                            ? 
_refine.aniso_B[3][3]                            ? 
_refine.B_iso_max                                96.430 
_refine.B_iso_mean                               40.1871 
_refine.B_iso_min                                17.460 
_refine.correlation_coeff_Fo_to_Fc               ? 
_refine.correlation_coeff_Fo_to_Fc_free          ? 
_refine.details                                  ? 
_refine.diff_density_max                         ? 
_refine.diff_density_max_esd                     ? 
_refine.diff_density_min                         ? 
_refine.diff_density_min_esd                     ? 
_refine.diff_density_rms                         ? 
_refine.diff_density_rms_esd                     ? 
_refine.entry_id                                 7L33 
_refine.pdbx_refine_id                           'X-RAY DIFFRACTION' 
_refine.ls_abs_structure_details                 ? 
_refine.ls_abs_structure_Flack                   ? 
_refine.ls_abs_structure_Flack_esd               ? 
_refine.ls_abs_structure_Rogers                  ? 
_refine.ls_abs_structure_Rogers_esd              ? 
_refine.ls_d_res_high                            1.4500 
_refine.ls_d_res_low                             20.9070 
_refine.ls_extinction_coef                       ? 
_refine.ls_extinction_coef_esd                   ? 
_refine.ls_extinction_expression                 ? 
_refine.ls_extinction_method                     ? 
_refine.ls_goodness_of_fit_all                   ? 
_refine.ls_goodness_of_fit_all_esd               ? 
_refine.ls_goodness_of_fit_obs                   ? 
_refine.ls_goodness_of_fit_obs_esd               ? 
_refine.ls_hydrogen_treatment                    ? 
_refine.ls_matrix_type                           ? 
_refine.ls_number_constraints                    ? 
_refine.ls_number_parameters                     ? 
_refine.ls_number_reflns_all                     ? 
_refine.ls_number_reflns_obs                     12583 
_refine.ls_number_reflns_R_free                  554 
_refine.ls_number_reflns_R_work                  12029 
_refine.ls_number_restraints                     ? 
_refine.ls_percent_reflns_obs                    97.1100 
_refine.ls_percent_reflns_R_free                 4.4000 
_refine.ls_R_factor_all                          ? 
_refine.ls_R_factor_obs                          0.2698 
_refine.ls_R_factor_R_free                       0.2945 
_refine.ls_R_factor_R_free_error                 ? 
_refine.ls_R_factor_R_free_error_details         ? 
_refine.ls_R_factor_R_work                       0.2687 
_refine.ls_R_Fsqd_factor_obs                     ? 
_refine.ls_R_I_factor_obs                        ? 
_refine.ls_redundancy_reflns_all                 ? 
_refine.ls_redundancy_reflns_obs                 ? 
_refine.ls_restrained_S_all                      ? 
_refine.ls_restrained_S_obs                      ? 
_refine.ls_shift_over_esd_max                    ? 
_refine.ls_shift_over_esd_mean                   ? 
_refine.ls_structure_factor_coef                 ? 
_refine.ls_weighting_details                     ? 
_refine.ls_weighting_scheme                      ? 
_refine.ls_wR_factor_all                         ? 
_refine.ls_wR_factor_obs                         ? 
_refine.ls_wR_factor_R_free                      ? 
_refine.ls_wR_factor_R_work                      ? 
_refine.occupancy_max                            ? 
_refine.occupancy_min                            ? 
_refine.solvent_model_details                    'FLAT BULK SOLVENT MODEL' 
_refine.solvent_model_param_bsol                 ? 
_refine.solvent_model_param_ksol                 ? 
_refine.pdbx_R_complete                          ? 
_refine.ls_R_factor_gt                           ? 
_refine.ls_goodness_of_fit_gt                    ? 
_refine.ls_goodness_of_fit_ref                   ? 
_refine.ls_shift_over_su_max                     ? 
_refine.ls_shift_over_su_max_lt                  ? 
_refine.ls_shift_over_su_mean                    ? 
_refine.ls_shift_over_su_mean_lt                 ? 
_refine.pdbx_ls_sigma_I                          ? 
_refine.pdbx_ls_sigma_F                          1.340 
_refine.pdbx_ls_sigma_Fsqd                       ? 
_refine.pdbx_data_cutoff_high_absF               ? 
_refine.pdbx_data_cutoff_high_rms_absF           ? 
_refine.pdbx_data_cutoff_low_absF                ? 
_refine.pdbx_isotropic_thermal_model             ? 
_refine.pdbx_ls_cross_valid_method               THROUGHOUT 
_refine.pdbx_method_to_determine_struct          'MOLECULAR REPLACEMENT' 
_refine.pdbx_starting_model                      4DZL 
_refine.pdbx_stereochemistry_target_values       ML 
_refine.pdbx_R_Free_selection_details            ? 
_refine.pdbx_stereochem_target_val_spec_case     ? 
_refine.pdbx_overall_ESU_R                       ? 
_refine.pdbx_overall_ESU_R_Free                  ? 
_refine.pdbx_solvent_vdw_probe_radii             1.1100 
_refine.pdbx_solvent_ion_probe_radii             ? 
_refine.pdbx_solvent_shrinkage_radii             0.9000 
_refine.pdbx_real_space_R                        ? 
_refine.pdbx_density_correlation                 ? 
_refine.pdbx_pd_number_of_powder_patterns        ? 
_refine.pdbx_pd_number_of_points                 ? 
_refine.pdbx_pd_meas_number_of_points            ? 
_refine.pdbx_pd_proc_ls_prof_R_factor            ? 
_refine.pdbx_pd_proc_ls_prof_wR_factor           ? 
_refine.pdbx_pd_Marquardt_correlation_coeff      ? 
_refine.pdbx_pd_Fsqrd_R_factor                   ? 
_refine.pdbx_pd_ls_matrix_band_width             ? 
_refine.pdbx_overall_phase_error                 48.9100 
_refine.pdbx_overall_SU_R_free_Cruickshank_DPI   ? 
_refine.pdbx_overall_SU_R_free_Blow_DPI          ? 
_refine.pdbx_overall_SU_R_Blow_DPI               ? 
_refine.pdbx_TLS_residual_ADP_flag               ? 
_refine.pdbx_diffrn_id                           1 
_refine.overall_SU_B                             ? 
_refine.overall_SU_ML                            0.3000 
_refine.overall_SU_R_Cruickshank_DPI             ? 
_refine.overall_SU_R_free                        ? 
_refine.overall_FOM_free_R_set                   ? 
_refine.overall_FOM_work_R_set                   ? 
_refine.pdbx_average_fsc_overall                 ? 
_refine.pdbx_average_fsc_work                    ? 
_refine.pdbx_average_fsc_free                    ? 
# 
_refine_hist.pdbx_refine_id                   'X-RAY DIFFRACTION' 
_refine_hist.cycle_id                         final 
_refine_hist.details                          ? 
_refine_hist.d_res_high                       1.4500 
_refine_hist.d_res_low                        20.9070 
_refine_hist.number_atoms_solvent             13 
_refine_hist.number_atoms_total               686 
_refine_hist.number_reflns_all                ? 
_refine_hist.number_reflns_obs                ? 
_refine_hist.number_reflns_R_free             ? 
_refine_hist.number_reflns_R_work             ? 
_refine_hist.R_factor_all                     ? 
_refine_hist.R_factor_obs                     ? 
_refine_hist.R_factor_R_free                  ? 
_refine_hist.R_factor_R_work                  ? 
_refine_hist.pdbx_number_residues_total       93 
_refine_hist.pdbx_B_iso_mean_ligand           84.81 
_refine_hist.pdbx_B_iso_mean_solvent          43.89 
_refine_hist.pdbx_number_atoms_protein        670 
_refine_hist.pdbx_number_atoms_nucleic_acid   0 
_refine_hist.pdbx_number_atoms_ligand         3 
_refine_hist.pdbx_number_atoms_lipid          ? 
_refine_hist.pdbx_number_atoms_carb           ? 
_refine_hist.pdbx_pseudo_atom_details         ? 
# 
loop_
_refine_ls_restr_ncs.pdbx_refine_id 
_refine_ls_restr_ncs.dom_id 
_refine_ls_restr_ncs.ncs_model_details 
_refine_ls_restr_ncs.rms_dev_B_iso 
_refine_ls_restr_ncs.rms_dev_position 
_refine_ls_restr_ncs.weight_B_iso 
_refine_ls_restr_ncs.weight_position 
_refine_ls_restr_ncs.pdbx_ordinal 
_refine_ls_restr_ncs.pdbx_type 
_refine_ls_restr_ncs.pdbx_asym_id 
_refine_ls_restr_ncs.pdbx_auth_asym_id 
_refine_ls_restr_ncs.pdbx_number 
_refine_ls_restr_ncs.pdbx_rms 
_refine_ls_restr_ncs.pdbx_weight 
_refine_ls_restr_ncs.pdbx_ens_id 
'X-RAY DIFFRACTION' 1 ? ? ? ? ? 1 TORSIONAL ? A 231 9.217 ? 1 
'X-RAY DIFFRACTION' 2 ? ? ? ? ? 2 TORSIONAL ? B 231 9.217 ? 1 
'X-RAY DIFFRACTION' 3 ? ? ? ? ? 3 TORSIONAL ? C 231 9.217 ? 1 
# 
loop_
_refine_ls_shell.pdbx_refine_id 
_refine_ls_shell.d_res_high 
_refine_ls_shell.d_res_low 
_refine_ls_shell.number_reflns_all 
_refine_ls_shell.number_reflns_obs 
_refine_ls_shell.number_reflns_R_free 
_refine_ls_shell.number_reflns_R_work 
_refine_ls_shell.percent_reflns_obs 
_refine_ls_shell.percent_reflns_R_free 
_refine_ls_shell.R_factor_all 
_refine_ls_shell.R_factor_obs 
_refine_ls_shell.R_factor_R_free 
_refine_ls_shell.R_factor_R_free_error 
_refine_ls_shell.R_factor_R_work 
_refine_ls_shell.redundancy_reflns_all 
_refine_ls_shell.redundancy_reflns_obs 
_refine_ls_shell.wR_factor_all 
_refine_ls_shell.wR_factor_obs 
_refine_ls_shell.wR_factor_R_free 
_refine_ls_shell.wR_factor_R_work 
_refine_ls_shell.pdbx_R_complete 
_refine_ls_shell.pdbx_total_number_of_bins_used 
_refine_ls_shell.pdbx_phase_error 
_refine_ls_shell.pdbx_fsc_work 
_refine_ls_shell.pdbx_fsc_free 
'X-RAY DIFFRACTION' 1.4500 1.5959 . . 129 2803 91.0000 . . . 0.4420 0.0000 0.4256 . . . . . . . . . . . 
'X-RAY DIFFRACTION' 1.5959 1.8267 . . 170 3023 99.0000 . . . 0.4016 0.0000 0.3540 . . . . . . . . . . . 
'X-RAY DIFFRACTION' 1.8267 2.3010 . . 124 3100 99.0000 . . . 0.3327 0.0000 0.3088 . . . . . . . . . . . 
# 
loop_
_struct_ncs_dom.pdbx_ens_id 
_struct_ncs_dom.id 
_struct_ncs_dom.details 
1 1 
;(chain A and (resid 0 through 1 or resid 3 through 5 or (resid 6 and (name N or name CA or name C or name O or name CB or name CG )) or (resid 7 and (name N or name CA or name C or name O or name CB )) or (resid 8 and (name N or name CA or name C or name O or name CB or name CG )) or resid 9 through 11 or (resid 12 and (name N or name CA or name C or name O or name CB or name CG1 or name CG2)) or resid 13 through 21 or resid 23 through 30))
;
1 2 
;(chain B and (resid 0 through 1 or resid 3 through 12 or (resid 13 and (name N or name CA or name C or name O or name CB or name CG )) or resid 14 through 21 or resid 23 through 30))
;
1 3 
;(chain C and (resid 0 through 1 or resid 3 through 5 or (resid 6 and (name N or name CA or name C or name O or name CB or name CG )) or (resid 7 and (name N or name CA or name C or name O or name CB )) or (resid 8 and (name N or name CA or name C or name O or name CB or name CG )) or resid 9 through 11 or (resid 12 and (name N or name CA or name C or name O or name CB or name CG1 or name CG2)) or resid 13 through 21 or resid 23 through 30))
;
# 
loop_
_struct_ncs_dom_lim.pdbx_ens_id 
_struct_ncs_dom_lim.dom_id 
_struct_ncs_dom_lim.pdbx_component_id 
_struct_ncs_dom_lim.beg_label_asym_id 
_struct_ncs_dom_lim.beg_label_comp_id 
_struct_ncs_dom_lim.beg_label_seq_id 
_struct_ncs_dom_lim.beg_label_alt_id 
_struct_ncs_dom_lim.end_label_asym_id 
_struct_ncs_dom_lim.end_label_comp_id 
_struct_ncs_dom_lim.end_label_seq_id 
_struct_ncs_dom_lim.end_label_alt_id 
_struct_ncs_dom_lim.beg_auth_asym_id 
_struct_ncs_dom_lim.beg_auth_comp_id 
_struct_ncs_dom_lim.beg_auth_seq_id 
_struct_ncs_dom_lim.end_auth_asym_id 
_struct_ncs_dom_lim.end_auth_comp_id 
_struct_ncs_dom_lim.end_auth_seq_id 
_struct_ncs_dom_lim.pdbx_refine_code 
_struct_ncs_dom_lim.selection_details 
1 1 1 A ACE 1  . A GLY 2  . A ACE 0  A GLY 1  ? 
;(chain A and (resid 0 through 1 or resid 3 through 5 or (resid 6 and (name N or name CA or name C or name O or name CB or name CG )) or (resid 7 and (name N or name CA or name C or name O or name CB )) or (resid 8 and (name N or name CA or name C or name O or name CB or name CG )) or resid 9 through 11 or (resid 12 and (name N or name CA or name C or name O or name CB or name CG1 or name CG2)) or resid 13 through 21 or resid 23 through 30))
;
1 1 2 A ALA 4  . A ILE 6  . A ALA 3  A ILE 5  ? 
;(chain A and (resid 0 through 1 or resid 3 through 5 or (resid 6 and (name N or name CA or name C or name O or name CB or name CG )) or (resid 7 and (name N or name CA or name C or name O or name CB )) or (resid 8 and (name N or name CA or name C or name O or name CB or name CG )) or resid 9 through 11 or (resid 12 and (name N or name CA or name C or name O or name CB or name CG1 or name CG2)) or resid 13 through 21 or resid 23 through 30))
;
1 1 3 A LYS 7  . A LYS 7  . A LYS 6  A LYS 6  ? 
;(chain A and (resid 0 through 1 or resid 3 through 5 or (resid 6 and (name N or name CA or name C or name O or name CB or name CG )) or (resid 7 and (name N or name CA or name C or name O or name CB )) or (resid 8 and (name N or name CA or name C or name O or name CB or name CG )) or resid 9 through 11 or (resid 12 and (name N or name CA or name C or name O or name CB or name CG1 or name CG2)) or resid 13 through 21 or resid 23 through 30))
;
1 1 4 A ACE 1  . A GLY 31 . A ACE 0  A GLY 30 ? 
;(chain A and (resid 0 through 1 or resid 3 through 5 or (resid 6 and (name N or name CA or name C or name O or name CB or name CG )) or (resid 7 and (name N or name CA or name C or name O or name CB )) or (resid 8 and (name N or name CA or name C or name O or name CB or name CG )) or resid 9 through 11 or (resid 12 and (name N or name CA or name C or name O or name CB or name CG1 or name CG2)) or resid 13 through 21 or resid 23 through 30))
;
1 1 5 A ACE 1  . A GLY 31 . A ACE 0  A GLY 30 ? 
;(chain A and (resid 0 through 1 or resid 3 through 5 or (resid 6 and (name N or name CA or name C or name O or name CB or name CG )) or (resid 7 and (name N or name CA or name C or name O or name CB )) or (resid 8 and (name N or name CA or name C or name O or name CB or name CG )) or resid 9 through 11 or (resid 12 and (name N or name CA or name C or name O or name CB or name CG1 or name CG2)) or resid 13 through 21 or resid 23 through 30))
;
1 1 6 A ACE 1  . A GLY 31 . A ACE 0  A GLY 30 ? 
;(chain A and (resid 0 through 1 or resid 3 through 5 or (resid 6 and (name N or name CA or name C or name O or name CB or name CG )) or (resid 7 and (name N or name CA or name C or name O or name CB )) or (resid 8 and (name N or name CA or name C or name O or name CB or name CG )) or resid 9 through 11 or (resid 12 and (name N or name CA or name C or name O or name CB or name CG1 or name CG2)) or resid 13 through 21 or resid 23 through 30))
;
1 1 7 A ACE 1  . A GLY 31 . A ACE 0  A GLY 30 ? 
;(chain A and (resid 0 through 1 or resid 3 through 5 or (resid 6 and (name N or name CA or name C or name O or name CB or name CG )) or (resid 7 and (name N or name CA or name C or name O or name CB )) or (resid 8 and (name N or name CA or name C or name O or name CB or name CG )) or resid 9 through 11 or (resid 12 and (name N or name CA or name C or name O or name CB or name CG1 or name CG2)) or resid 13 through 21 or resid 23 through 30))
;
1 1 8 A ACE 1  . A GLY 31 . A ACE 0  A GLY 30 ? 
;(chain A and (resid 0 through 1 or resid 3 through 5 or (resid 6 and (name N or name CA or name C or name O or name CB or name CG )) or (resid 7 and (name N or name CA or name C or name O or name CB )) or (resid 8 and (name N or name CA or name C or name O or name CB or name CG )) or resid 9 through 11 or (resid 12 and (name N or name CA or name C or name O or name CB or name CG1 or name CG2)) or resid 13 through 21 or resid 23 through 30))
;
1 2 1 B ACE 1  . B GLY 2  . B ACE 0  B GLY 1  ? 
;(chain B and (resid 0 through 1 or resid 3 through 12 or (resid 13 and (name N or name CA or name C or name O or name CB or name CG )) or resid 14 through 21 or resid 23 through 30))
;
1 2 2 B ALA 4  . B ILE 13 . B ALA 3  B ILE 12 ? 
;(chain B and (resid 0 through 1 or resid 3 through 12 or (resid 13 and (name N or name CA or name C or name O or name CB or name CG )) or resid 14 through 21 or resid 23 through 30))
;
1 2 3 B LYS 14 . B LYS 14 . B LYS 13 B LYS 13 ? 
;(chain B and (resid 0 through 1 or resid 3 through 12 or (resid 13 and (name N or name CA or name C or name O or name CB or name CG )) or resid 14 through 21 or resid 23 through 30))
;
1 2 4 B ACE 1  . B GLY 31 . B ACE 0  B GLY 30 ? 
;(chain B and (resid 0 through 1 or resid 3 through 12 or (resid 13 and (name N or name CA or name C or name O or name CB or name CG )) or resid 14 through 21 or resid 23 through 30))
;
1 2 5 B ACE 1  . B GLY 31 . B ACE 0  B GLY 30 ? 
;(chain B and (resid 0 through 1 or resid 3 through 12 or (resid 13 and (name N or name CA or name C or name O or name CB or name CG )) or resid 14 through 21 or resid 23 through 30))
;
1 2 6 B ACE 1  . B GLY 31 . B ACE 0  B GLY 30 ? 
;(chain B and (resid 0 through 1 or resid 3 through 12 or (resid 13 and (name N or name CA or name C or name O or name CB or name CG )) or resid 14 through 21 or resid 23 through 30))
;
1 2 7 B ACE 1  . B GLY 31 . B ACE 0  B GLY 30 ? 
;(chain B and (resid 0 through 1 or resid 3 through 12 or (resid 13 and (name N or name CA or name C or name O or name CB or name CG )) or resid 14 through 21 or resid 23 through 30))
;
1 2 8 B ACE 1  . B GLY 31 . B ACE 0  B GLY 30 ? 
;(chain B and (resid 0 through 1 or resid 3 through 12 or (resid 13 and (name N or name CA or name C or name O or name CB or name CG )) or resid 14 through 21 or resid 23 through 30))
;
1 3 1 C ACE 1  . C GLY 2  . C ACE 0  C GLY 1  ? 
;(chain C and (resid 0 through 1 or resid 3 through 5 or (resid 6 and (name N or name CA or name C or name O or name CB or name CG )) or (resid 7 and (name N or name CA or name C or name O or name CB )) or (resid 8 and (name N or name CA or name C or name O or name CB or name CG )) or resid 9 through 11 or (resid 12 and (name N or name CA or name C or name O or name CB or name CG1 or name CG2)) or resid 13 through 21 or resid 23 through 30))
;
1 3 2 C ALA 4  . C ILE 6  . C ALA 3  C ILE 5  ? 
;(chain C and (resid 0 through 1 or resid 3 through 5 or (resid 6 and (name N or name CA or name C or name O or name CB or name CG )) or (resid 7 and (name N or name CA or name C or name O or name CB )) or (resid 8 and (name N or name CA or name C or name O or name CB or name CG )) or resid 9 through 11 or (resid 12 and (name N or name CA or name C or name O or name CB or name CG1 or name CG2)) or resid 13 through 21 or resid 23 through 30))
;
1 3 3 C ACE 1  . C ACE 1  . C ACE 0  C ACE 0  ? 
;(chain C and (resid 0 through 1 or resid 3 through 5 or (resid 6 and (name N or name CA or name C or name O or name CB or name CG )) or (resid 7 and (name N or name CA or name C or name O or name CB )) or (resid 8 and (name N or name CA or name C or name O or name CB or name CG )) or resid 9 through 11 or (resid 12 and (name N or name CA or name C or name O or name CB or name CG1 or name CG2)) or resid 13 through 21 or resid 23 through 30))
;
1 3 4 C ACE 1  . C GLY 31 . C ACE 0  C GLY 30 ? 
;(chain C and (resid 0 through 1 or resid 3 through 5 or (resid 6 and (name N or name CA or name C or name O or name CB or name CG )) or (resid 7 and (name N or name CA or name C or name O or name CB )) or (resid 8 and (name N or name CA or name C or name O or name CB or name CG )) or resid 9 through 11 or (resid 12 and (name N or name CA or name C or name O or name CB or name CG1 or name CG2)) or resid 13 through 21 or resid 23 through 30))
;
1 3 5 C ACE 1  . C GLY 31 . C ACE 0  C GLY 30 ? 
;(chain C and (resid 0 through 1 or resid 3 through 5 or (resid 6 and (name N or name CA or name C or name O or name CB or name CG )) or (resid 7 and (name N or name CA or name C or name O or name CB )) or (resid 8 and (name N or name CA or name C or name O or name CB or name CG )) or resid 9 through 11 or (resid 12 and (name N or name CA or name C or name O or name CB or name CG1 or name CG2)) or resid 13 through 21 or resid 23 through 30))
;
1 3 6 C ACE 1  . C GLY 31 . C ACE 0  C GLY 30 ? 
;(chain C and (resid 0 through 1 or resid 3 through 5 or (resid 6 and (name N or name CA or name C or name O or name CB or name CG )) or (resid 7 and (name N or name CA or name C or name O or name CB )) or (resid 8 and (name N or name CA or name C or name O or name CB or name CG )) or resid 9 through 11 or (resid 12 and (name N or name CA or name C or name O or name CB or name CG1 or name CG2)) or resid 13 through 21 or resid 23 through 30))
;
1 3 7 C ACE 1  . C GLY 31 . C ACE 0  C GLY 30 ? 
;(chain C and (resid 0 through 1 or resid 3 through 5 or (resid 6 and (name N or name CA or name C or name O or name CB or name CG )) or (resid 7 and (name N or name CA or name C or name O or name CB )) or (resid 8 and (name N or name CA or name C or name O or name CB or name CG )) or resid 9 through 11 or (resid 12 and (name N or name CA or name C or name O or name CB or name CG1 or name CG2)) or resid 13 through 21 or resid 23 through 30))
;
1 3 8 C ACE 1  . C GLY 31 . C ACE 0  C GLY 30 ? 
;(chain C and (resid 0 through 1 or resid 3 through 5 or (resid 6 and (name N or name CA or name C or name O or name CB or name CG )) or (resid 7 and (name N or name CA or name C or name O or name CB )) or (resid 8 and (name N or name CA or name C or name O or name CB or name CG )) or resid 9 through 11 or (resid 12 and (name N or name CA or name C or name O or name CB or name CG1 or name CG2)) or resid 13 through 21 or resid 23 through 30))
;
1 3 9 C ACE 1  . C GLY 31 . C ACE 0  C GLY 30 ? 
;(chain C and (resid 0 through 1 or resid 3 through 5 or (resid 6 and (name N or name CA or name C or name O or name CB or name CG )) or (resid 7 and (name N or name CA or name C or name O or name CB )) or (resid 8 and (name N or name CA or name C or name O or name CB or name CG )) or resid 9 through 11 or (resid 12 and (name N or name CA or name C or name O or name CB or name CG1 or name CG2)) or resid 13 through 21 or resid 23 through 30))
;
# 
_struct_ncs_ens.id        1 
_struct_ncs_ens.details   ? 
# 
_struct.entry_id                     7L33 
_struct.title                        'X-ray Structure of a Cu-Bound De Novo Designed Peptide Trimer' 
_struct.pdbx_model_details           ? 
_struct.pdbx_formula_weight          ? 
_struct.pdbx_formula_weight_method   ? 
_struct.pdbx_model_type_details      ? 
_struct.pdbx_CASP_flag               N 
# 
_struct_keywords.entry_id        7L33 
_struct_keywords.text            'Coiled Coil, Copper, Metallopeptide, Artificial Enzymes, DE NOVO PROTEIN' 
_struct_keywords.pdbx_keywords   'DE NOVO PROTEIN' 
# 
loop_
_struct_asym.id 
_struct_asym.pdbx_blank_PDB_chainid_flag 
_struct_asym.pdbx_modified 
_struct_asym.entity_id 
_struct_asym.details 
A N N 1 ? 
B N N 1 ? 
C N N 1 ? 
D N N 2 ? 
E N N 2 ? 
F N N 2 ? 
G N N 3 ? 
H N N 3 ? 
I N N 3 ? 
# 
_struct_ref.id                         1 
_struct_ref.db_name                    PDB 
_struct_ref.db_code                    7L33 
_struct_ref.pdbx_db_accession          7L33 
_struct_ref.pdbx_db_isoform            ? 
_struct_ref.entity_id                  1 
_struct_ref.pdbx_seq_one_letter_code   ? 
_struct_ref.pdbx_align_begin           1 
# 
loop_
_struct_ref_seq.align_id 
_struct_ref_seq.ref_id 
_struct_ref_seq.pdbx_PDB_id_code 
_struct_ref_seq.pdbx_strand_id 
_struct_ref_seq.seq_align_beg 
_struct_ref_seq.pdbx_seq_align_beg_ins_code 
_struct_ref_seq.seq_align_end 
_struct_ref_seq.pdbx_seq_align_end_ins_code 
_struct_ref_seq.pdbx_db_accession 
_struct_ref_seq.db_align_beg 
_struct_ref_seq.pdbx_db_align_beg_ins_code 
_struct_ref_seq.db_align_end 
_struct_ref_seq.pdbx_db_align_end_ins_code 
_struct_ref_seq.pdbx_auth_seq_align_beg 
_struct_ref_seq.pdbx_auth_seq_align_end 
1 1 7L33 A 1 ? 31 ? 7L33 0 ? 30 ? 0 30 
2 1 7L33 B 1 ? 32 ? 7L33 0 ? 31 ? 0 31 
3 1 7L33 C 1 ? 31 ? 7L33 0 ? 30 ? 0 30 
# 
loop_
_pdbx_struct_assembly.id 
_pdbx_struct_assembly.details 
_pdbx_struct_assembly.method_details 
_pdbx_struct_assembly.oligomeric_details 
_pdbx_struct_assembly.oligomeric_count 
1 software_defined_assembly PISA trimeric 3 
2 software_defined_assembly PISA trimeric 3 
3 software_defined_assembly PISA trimeric 3 
# 
loop_
_pdbx_struct_assembly_prop.biol_id 
_pdbx_struct_assembly_prop.type 
_pdbx_struct_assembly_prop.value 
_pdbx_struct_assembly_prop.details 
1 'ABSA (A^2)' 3940 ? 
1 MORE         -52  ? 
1 'SSA (A^2)'  5940 ? 
2 'ABSA (A^2)' 3480 ? 
2 MORE         -53  ? 
2 'SSA (A^2)'  5740 ? 
3 'ABSA (A^2)' 3850 ? 
3 MORE         -58  ? 
3 'SSA (A^2)'  5940 ? 
# 
loop_
_pdbx_struct_assembly_gen.assembly_id 
_pdbx_struct_assembly_gen.oper_expression 
_pdbx_struct_assembly_gen.asym_id_list 
1 1,2,5 A,D,G 
2 1,3,6 B,E,H 
3 1,4,7 C,F,I 
# 
_pdbx_struct_assembly_auth_evidence.id                     1 
_pdbx_struct_assembly_auth_evidence.assembly_id            1 
_pdbx_struct_assembly_auth_evidence.experimental_support   none 
_pdbx_struct_assembly_auth_evidence.details                ? 
# 
loop_
_pdbx_struct_oper_list.id 
_pdbx_struct_oper_list.type 
_pdbx_struct_oper_list.name 
_pdbx_struct_oper_list.symmetry_operation 
_pdbx_struct_oper_list.matrix[1][1] 
_pdbx_struct_oper_list.matrix[1][2] 
_pdbx_struct_oper_list.matrix[1][3] 
_pdbx_struct_oper_list.vector[1] 
_pdbx_struct_oper_list.matrix[2][1] 
_pdbx_struct_oper_list.matrix[2][2] 
_pdbx_struct_oper_list.matrix[2][3] 
_pdbx_struct_oper_list.vector[2] 
_pdbx_struct_oper_list.matrix[3][1] 
_pdbx_struct_oper_list.matrix[3][2] 
_pdbx_struct_oper_list.matrix[3][3] 
_pdbx_struct_oper_list.vector[3] 
1 'identity operation'         1_555 x,y,z         1.0000000000 0.0000000000  0.0000000000  0.0000000000   0.0000000000  1.0000000000 0.0000000000  0.0000000000   0.0000000000  0.0000000000  1.0000000000  0.0000000000   
2 'crystal symmetry operation' 2_455 -y-1,x-y,z    0.0453010129 -0.5676954584 -0.8219912924 16.2749689212  -0.8458216672 0.4160218931 -0.3339333642 14.0197214022  0.5315388278  0.7103855650  -0.4613229060 -7.1185563098  
3 'crystal symmetry operation' 2_555 -y,x-y,z      0.0453010129 -0.5676954584 -0.8219912924 -1.1707540843  -0.8458216672 0.4160218931 -0.3339333642 -5.4580970358  0.5315388278  0.7103855650  -0.4613229060 22.1664046379  
4 'crystal symmetry operation' 2_565 -y,x-y+1,z    0.0453010129 -0.5676954584 -0.8219912924 -14.9755768361 -0.8458216672 0.4160218931 -0.3339333642 -8.5845509454  0.5315388278  0.7103855650  -0.4613229060 -14.4532588606 
5 'crystal symmetry operation' 3_445 -x+y-1,-x-1,z 0.0453010129 -0.8458216672 0.5315388278  14.9047006303  -0.5676954584 0.4160218931 0.7103855650  8.4636345500   -0.8219912924 -0.3339333642 -0.4613229060 14.7755823854  
6 'crystal symmetry operation' 3_555 -x+y,-x,z     0.0453010129 -0.8458216672 0.5315388278  -16.3458451269 -0.5676954584 0.4160218931 0.7103855650  -14.1406377977 -0.8219912924 -0.3339333642 -0.4613229060 7.4408798346   
7 'crystal symmetry operation' 3_455 -x+y-1,-x,z   0.0453010129 -0.8458216672 0.5315388278  1.0998778786   -0.5676954584 0.4160218931 0.7103855650  5.3371806404   -0.8219912924 -0.3339333642 -0.4613229060 -21.8440811131 
# 
loop_
_struct_conf.conf_type_id 
_struct_conf.id 
_struct_conf.pdbx_PDB_helix_id 
_struct_conf.beg_label_comp_id 
_struct_conf.beg_label_asym_id 
_struct_conf.beg_label_seq_id 
_struct_conf.pdbx_beg_PDB_ins_code 
_struct_conf.end_label_comp_id 
_struct_conf.end_label_asym_id 
_struct_conf.end_label_seq_id 
_struct_conf.pdbx_end_PDB_ins_code 
_struct_conf.beg_auth_comp_id 
_struct_conf.beg_auth_asym_id 
_struct_conf.beg_auth_seq_id 
_struct_conf.end_auth_comp_id 
_struct_conf.end_auth_asym_id 
_struct_conf.end_auth_seq_id 
_struct_conf.pdbx_PDB_helix_class 
_struct_conf.details 
_struct_conf.pdbx_PDB_helix_length 
HELX_P HELX_P1 AA1 GLY A 2 ? GLU A 30 ? GLY A 1 GLU A 29 1 ? 29 
HELX_P HELX_P2 AA2 GLY B 2 ? GLU B 30 ? GLY B 1 GLU B 29 1 ? 29 
HELX_P HELX_P3 AA3 GLY C 2 ? GLU C 30 ? GLY C 1 GLU C 29 1 ? 29 
# 
_struct_conf_type.id          HELX_P 
_struct_conf_type.criteria    ? 
_struct_conf_type.reference   ? 
# 
loop_
_struct_conn.id 
_struct_conn.conn_type_id 
_struct_conn.pdbx_leaving_atom_flag 
_struct_conn.pdbx_PDB_id 
_struct_conn.ptnr1_label_asym_id 
_struct_conn.ptnr1_label_comp_id 
_struct_conn.ptnr1_label_seq_id 
_struct_conn.ptnr1_label_atom_id 
_struct_conn.pdbx_ptnr1_label_alt_id 
_struct_conn.pdbx_ptnr1_PDB_ins_code 
_struct_conn.pdbx_ptnr1_standard_comp_id 
_struct_conn.ptnr1_symmetry 
_struct_conn.ptnr2_label_asym_id 
_struct_conn.ptnr2_label_comp_id 
_struct_conn.ptnr2_label_seq_id 
_struct_conn.ptnr2_label_atom_id 
_struct_conn.pdbx_ptnr2_label_alt_id 
_struct_conn.pdbx_ptnr2_PDB_ins_code 
_struct_conn.ptnr1_auth_asym_id 
_struct_conn.ptnr1_auth_comp_id 
_struct_conn.ptnr1_auth_seq_id 
_struct_conn.ptnr2_auth_asym_id 
_struct_conn.ptnr2_auth_comp_id 
_struct_conn.ptnr2_auth_seq_id 
_struct_conn.ptnr2_symmetry 
_struct_conn.pdbx_ptnr3_label_atom_id 
_struct_conn.pdbx_ptnr3_label_seq_id 
_struct_conn.pdbx_ptnr3_label_comp_id 
_struct_conn.pdbx_ptnr3_label_asym_id 
_struct_conn.pdbx_ptnr3_label_alt_id 
_struct_conn.pdbx_ptnr3_PDB_ins_code 
_struct_conn.details 
_struct_conn.pdbx_dist_value 
_struct_conn.pdbx_value_order 
_struct_conn.pdbx_role 
covale1 covale both ? A ACE 1  C   ? ? ? 1_555 A GLY 2  N  ? ? A ACE 0  A GLY 1   1_555 ? ? ? ? ? ? ? 1.329 ?    ? 
covale2 covale both ? A GLY 31 C   ? ? ? 1_555 A NH2 32 N  ? ? A GLY 30 A NH2 31  1_555 ? ? ? ? ? ? ? 1.330 ?    ? 
covale3 covale both ? B ACE 1  C   ? ? ? 1_555 B GLY 2  N  ? ? B ACE 0  B GLY 1   1_555 ? ? ? ? ? ? ? 1.297 ?    ? 
covale4 covale both ? C ACE 1  C   ? ? ? 1_555 C GLY 2  N  ? ? C ACE 0  C GLY 1   1_555 ? ? ? ? ? ? ? 1.329 ?    ? 
covale5 covale both ? C GLY 31 C   ? ? ? 1_555 C NH2 32 N  ? ? C GLY 30 C NH2 31  1_555 ? ? ? ? ? ? ? 1.329 ?    ? 
metalc1 metalc ?    ? A HIS 10 NE2 ? ? ? 1_555 D CU  .  CU ? ? A HIS 9  A CU  101 1_555 ? ? ? ? ? ? ? 2.016 ?    ? 
metalc2 metalc ?    ? A HIS 10 NE2 ? ? ? 1_555 D CU  .  CU ? ? A HIS 9  A CU  101 2_455 ? ? ? ? ? ? ? 2.016 ?    ? 
metalc3 metalc ?    ? A HIS 10 NE2 ? ? ? 1_555 D CU  .  CU ? ? A HIS 9  A CU  101 3_445 ? ? ? ? ? ? ? 2.017 sing ? 
metalc4 metalc ?    ? B HIS 10 NE2 ? ? ? 1_555 E CU  .  CU ? ? B HIS 9  B CU  101 1_555 ? ? ? ? ? ? ? 2.356 ?    ? 
metalc5 metalc ?    ? B HIS 10 NE2 ? ? ? 1_555 E CU  .  CU ? ? B HIS 9  B CU  101 3_555 ? ? ? ? ? ? ? 2.349 ?    ? 
metalc6 metalc ?    ? B HIS 10 NE2 ? ? ? 1_555 E CU  .  CU ? ? B HIS 9  B CU  101 2_555 ? ? ? ? ? ? ? 2.377 sing ? 
metalc7 metalc ?    ? C HIS 10 NE2 ? ? ? 1_555 F CU  .  CU ? ? C HIS 9  C CU  101 1_555 ? ? ? ? ? ? ? 2.067 ?    ? 
metalc8 metalc ?    ? C HIS 10 NE2 ? ? ? 1_555 F CU  .  CU ? ? C HIS 9  C CU  101 2_565 ? ? ? ? ? ? ? 2.066 ?    ? 
metalc9 metalc ?    ? C HIS 10 NE2 ? ? ? 1_555 F CU  .  CU ? ? C HIS 9  C CU  101 3_455 ? ? ? ? ? ? ? 2.067 sing ? 
# 
loop_
_struct_conn_type.id 
_struct_conn_type.criteria 
_struct_conn_type.reference 
covale ? ? 
metalc ? ? 
# 
loop_
_pdbx_struct_conn_angle.id 
_pdbx_struct_conn_angle.ptnr1_label_atom_id 
_pdbx_struct_conn_angle.ptnr1_label_alt_id 
_pdbx_struct_conn_angle.ptnr1_label_asym_id 
_pdbx_struct_conn_angle.ptnr1_label_comp_id 
_pdbx_struct_conn_angle.ptnr1_label_seq_id 
_pdbx_struct_conn_angle.ptnr1_auth_atom_id 
_pdbx_struct_conn_angle.ptnr1_auth_asym_id 
_pdbx_struct_conn_angle.ptnr1_auth_comp_id 
_pdbx_struct_conn_angle.ptnr1_auth_seq_id 
_pdbx_struct_conn_angle.ptnr1_PDB_ins_code 
_pdbx_struct_conn_angle.ptnr1_symmetry 
_pdbx_struct_conn_angle.ptnr2_label_atom_id 
_pdbx_struct_conn_angle.ptnr2_label_alt_id 
_pdbx_struct_conn_angle.ptnr2_label_asym_id 
_pdbx_struct_conn_angle.ptnr2_label_comp_id 
_pdbx_struct_conn_angle.ptnr2_label_seq_id 
_pdbx_struct_conn_angle.ptnr2_auth_atom_id 
_pdbx_struct_conn_angle.ptnr2_auth_asym_id 
_pdbx_struct_conn_angle.ptnr2_auth_comp_id 
_pdbx_struct_conn_angle.ptnr2_auth_seq_id 
_pdbx_struct_conn_angle.ptnr2_PDB_ins_code 
_pdbx_struct_conn_angle.ptnr2_symmetry 
_pdbx_struct_conn_angle.ptnr3_label_atom_id 
_pdbx_struct_conn_angle.ptnr3_label_alt_id 
_pdbx_struct_conn_angle.ptnr3_label_asym_id 
_pdbx_struct_conn_angle.ptnr3_label_comp_id 
_pdbx_struct_conn_angle.ptnr3_label_seq_id 
_pdbx_struct_conn_angle.ptnr3_auth_atom_id 
_pdbx_struct_conn_angle.ptnr3_auth_asym_id 
_pdbx_struct_conn_angle.ptnr3_auth_comp_id 
_pdbx_struct_conn_angle.ptnr3_auth_seq_id 
_pdbx_struct_conn_angle.ptnr3_PDB_ins_code 
_pdbx_struct_conn_angle.ptnr3_symmetry 
_pdbx_struct_conn_angle.value 
_pdbx_struct_conn_angle.value_esd 
1 NE2 ? A HIS 10 ? A HIS 9 ? 1_555 CU ? D CU . ? A CU 101 ? 1_555 NE2 ? A HIS 10 ? A HIS 9 ? 1_555 0.0 ? 
2 NE2 ? A HIS 10 ? A HIS 9 ? 1_555 CU ? D CU . ? A CU 101 ? 1_555 NE2 ? A HIS 10 ? A HIS 9 ? 1_555 0.0 ? 
3 NE2 ? A HIS 10 ? A HIS 9 ? 1_555 CU ? D CU . ? A CU 101 ? 1_555 NE2 ? A HIS 10 ? A HIS 9 ? 1_555 0.0 ? 
4 NE2 ? B HIS 10 ? B HIS 9 ? 1_555 CU ? E CU . ? B CU 101 ? 1_555 NE2 ? B HIS 10 ? B HIS 9 ? 1_555 0.0 ? 
5 NE2 ? B HIS 10 ? B HIS 9 ? 1_555 CU ? E CU . ? B CU 101 ? 1_555 NE2 ? B HIS 10 ? B HIS 9 ? 1_555 0.0 ? 
6 NE2 ? B HIS 10 ? B HIS 9 ? 1_555 CU ? E CU . ? B CU 101 ? 1_555 NE2 ? B HIS 10 ? B HIS 9 ? 1_555 0.0 ? 
7 NE2 ? C HIS 10 ? C HIS 9 ? 1_555 CU ? F CU . ? C CU 101 ? 1_555 NE2 ? C HIS 10 ? C HIS 9 ? 1_555 0.0 ? 
8 NE2 ? C HIS 10 ? C HIS 9 ? 1_555 CU ? F CU . ? C CU 101 ? 1_555 NE2 ? C HIS 10 ? C HIS 9 ? 1_555 0.0 ? 
9 NE2 ? C HIS 10 ? C HIS 9 ? 1_555 CU ? F CU . ? C CU 101 ? 1_555 NE2 ? C HIS 10 ? C HIS 9 ? 1_555 0.0 ? 
# 
loop_
_pdbx_modification_feature.ordinal 
_pdbx_modification_feature.label_comp_id 
_pdbx_modification_feature.label_asym_id 
_pdbx_modification_feature.label_seq_id 
_pdbx_modification_feature.label_alt_id 
_pdbx_modification_feature.modified_residue_label_comp_id 
_pdbx_modification_feature.modified_residue_label_asym_id 
_pdbx_modification_feature.modified_residue_label_seq_id 
_pdbx_modification_feature.modified_residue_label_alt_id 
_pdbx_modification_feature.auth_comp_id 
_pdbx_modification_feature.auth_asym_id 
_pdbx_modification_feature.auth_seq_id 
_pdbx_modification_feature.PDB_ins_code 
_pdbx_modification_feature.symmetry 
_pdbx_modification_feature.modified_residue_auth_comp_id 
_pdbx_modification_feature.modified_residue_auth_asym_id 
_pdbx_modification_feature.modified_residue_auth_seq_id 
_pdbx_modification_feature.modified_residue_PDB_ins_code 
_pdbx_modification_feature.modified_residue_symmetry 
_pdbx_modification_feature.comp_id_linking_atom 
_pdbx_modification_feature.modified_residue_id_linking_atom 
_pdbx_modification_feature.modified_residue_id 
_pdbx_modification_feature.ref_pcm_id 
_pdbx_modification_feature.ref_comp_id 
_pdbx_modification_feature.type 
_pdbx_modification_feature.category 
1 ACE A 1  ? GLY A 2  ? ACE A 0  ? 1_555 GLY A 1  ? 1_555 . . GLY 12 ACE None 'Terminal acetylation' 
2 ACE B 1  ? GLY B 2  ? ACE B 0  ? 1_555 GLY B 1  ? 1_555 . . GLY 12 ACE None 'Terminal acetylation' 
3 ACE C 1  ? GLY C 2  ? ACE C 0  ? 1_555 GLY C 1  ? 1_555 . . GLY 12 ACE None 'Terminal acetylation' 
4 NH2 A 32 ? GLY A 31 ? NH2 A 31 ? 1_555 GLY A 30 ? 1_555 . . GLY 12 NH2 None 'Terminal amidation'   
5 NH2 C 32 ? GLY C 31 ? NH2 C 31 ? 1_555 GLY C 30 ? 1_555 . . GLY 12 NH2 None 'Terminal amidation'   
# 
_pdbx_entry_details.entry_id                   7L33 
_pdbx_entry_details.has_ligand_of_interest     Y 
_pdbx_entry_details.compound_details           ? 
_pdbx_entry_details.source_details             ? 
_pdbx_entry_details.nonpolymer_details         ? 
_pdbx_entry_details.sequence_details           ? 
_pdbx_entry_details.has_protein_modification   Y 
# 
loop_
_pdbx_struct_special_symmetry.id 
_pdbx_struct_special_symmetry.PDB_model_num 
_pdbx_struct_special_symmetry.auth_asym_id 
_pdbx_struct_special_symmetry.auth_comp_id 
_pdbx_struct_special_symmetry.auth_seq_id 
_pdbx_struct_special_symmetry.PDB_ins_code 
_pdbx_struct_special_symmetry.label_asym_id 
_pdbx_struct_special_symmetry.label_comp_id 
_pdbx_struct_special_symmetry.label_seq_id 
1 1 A CU 101 ? D CU . 
2 1 B CU 101 ? E CU . 
3 1 C CU 101 ? F CU . 
# 
_pdbx_unobs_or_zero_occ_residues.id               1 
_pdbx_unobs_or_zero_occ_residues.PDB_model_num    1 
_pdbx_unobs_or_zero_occ_residues.polymer_flag     Y 
_pdbx_unobs_or_zero_occ_residues.occupancy_flag   1 
_pdbx_unobs_or_zero_occ_residues.auth_asym_id     B 
_pdbx_unobs_or_zero_occ_residues.auth_comp_id     NH2 
_pdbx_unobs_or_zero_occ_residues.auth_seq_id      31 
_pdbx_unobs_or_zero_occ_residues.PDB_ins_code     ? 
_pdbx_unobs_or_zero_occ_residues.label_asym_id    B 
_pdbx_unobs_or_zero_occ_residues.label_comp_id    NH2 
_pdbx_unobs_or_zero_occ_residues.label_seq_id     32 
# 
loop_
_chem_comp_atom.comp_id 
_chem_comp_atom.atom_id 
_chem_comp_atom.type_symbol 
_chem_comp_atom.pdbx_aromatic_flag 
_chem_comp_atom.pdbx_stereo_config 
_chem_comp_atom.pdbx_ordinal 
ACE C    C  N N 1   
ACE O    O  N N 2   
ACE CH3  C  N N 3   
ACE H    H  N N 4   
ACE H1   H  N N 5   
ACE H2   H  N N 6   
ACE H3   H  N N 7   
ALA N    N  N N 8   
ALA CA   C  N S 9   
ALA C    C  N N 10  
ALA O    O  N N 11  
ALA CB   C  N N 12  
ALA OXT  O  N N 13  
ALA H    H  N N 14  
ALA H2   H  N N 15  
ALA HA   H  N N 16  
ALA HB1  H  N N 17  
ALA HB2  H  N N 18  
ALA HB3  H  N N 19  
ALA HXT  H  N N 20  
CU  CU   CU N N 21  
GLN N    N  N N 22  
GLN CA   C  N S 23  
GLN C    C  N N 24  
GLN O    O  N N 25  
GLN CB   C  N N 26  
GLN CG   C  N N 27  
GLN CD   C  N N 28  
GLN OE1  O  N N 29  
GLN NE2  N  N N 30  
GLN OXT  O  N N 31  
GLN H    H  N N 32  
GLN H2   H  N N 33  
GLN HA   H  N N 34  
GLN HB2  H  N N 35  
GLN HB3  H  N N 36  
GLN HG2  H  N N 37  
GLN HG3  H  N N 38  
GLN HE21 H  N N 39  
GLN HE22 H  N N 40  
GLN HXT  H  N N 41  
GLU N    N  N N 42  
GLU CA   C  N S 43  
GLU C    C  N N 44  
GLU O    O  N N 45  
GLU CB   C  N N 46  
GLU CG   C  N N 47  
GLU CD   C  N N 48  
GLU OE1  O  N N 49  
GLU OE2  O  N N 50  
GLU OXT  O  N N 51  
GLU H    H  N N 52  
GLU H2   H  N N 53  
GLU HA   H  N N 54  
GLU HB2  H  N N 55  
GLU HB3  H  N N 56  
GLU HG2  H  N N 57  
GLU HG3  H  N N 58  
GLU HE2  H  N N 59  
GLU HXT  H  N N 60  
GLY N    N  N N 61  
GLY CA   C  N N 62  
GLY C    C  N N 63  
GLY O    O  N N 64  
GLY OXT  O  N N 65  
GLY H    H  N N 66  
GLY H2   H  N N 67  
GLY HA2  H  N N 68  
GLY HA3  H  N N 69  
GLY HXT  H  N N 70  
HIS N    N  N N 71  
HIS CA   C  N S 72  
HIS C    C  N N 73  
HIS O    O  N N 74  
HIS CB   C  N N 75  
HIS CG   C  Y N 76  
HIS ND1  N  Y N 77  
HIS CD2  C  Y N 78  
HIS CE1  C  Y N 79  
HIS NE2  N  Y N 80  
HIS OXT  O  N N 81  
HIS H    H  N N 82  
HIS H2   H  N N 83  
HIS HA   H  N N 84  
HIS HB2  H  N N 85  
HIS HB3  H  N N 86  
HIS HD1  H  N N 87  
HIS HD2  H  N N 88  
HIS HE1  H  N N 89  
HIS HE2  H  N N 90  
HIS HXT  H  N N 91  
HOH O    O  N N 92  
HOH H1   H  N N 93  
HOH H2   H  N N 94  
ILE N    N  N N 95  
ILE CA   C  N S 96  
ILE C    C  N N 97  
ILE O    O  N N 98  
ILE CB   C  N S 99  
ILE CG1  C  N N 100 
ILE CG2  C  N N 101 
ILE CD1  C  N N 102 
ILE OXT  O  N N 103 
ILE H    H  N N 104 
ILE H2   H  N N 105 
ILE HA   H  N N 106 
ILE HB   H  N N 107 
ILE HG12 H  N N 108 
ILE HG13 H  N N 109 
ILE HG21 H  N N 110 
ILE HG22 H  N N 111 
ILE HG23 H  N N 112 
ILE HD11 H  N N 113 
ILE HD12 H  N N 114 
ILE HD13 H  N N 115 
ILE HXT  H  N N 116 
LYS N    N  N N 117 
LYS CA   C  N S 118 
LYS C    C  N N 119 
LYS O    O  N N 120 
LYS CB   C  N N 121 
LYS CG   C  N N 122 
LYS CD   C  N N 123 
LYS CE   C  N N 124 
LYS NZ   N  N N 125 
LYS OXT  O  N N 126 
LYS H    H  N N 127 
LYS H2   H  N N 128 
LYS HA   H  N N 129 
LYS HB2  H  N N 130 
LYS HB3  H  N N 131 
LYS HG2  H  N N 132 
LYS HG3  H  N N 133 
LYS HD2  H  N N 134 
LYS HD3  H  N N 135 
LYS HE2  H  N N 136 
LYS HE3  H  N N 137 
LYS HZ1  H  N N 138 
LYS HZ2  H  N N 139 
LYS HZ3  H  N N 140 
LYS HXT  H  N N 141 
NH2 N    N  N N 142 
NH2 HN1  H  N N 143 
NH2 HN2  H  N N 144 
TRP N    N  N N 145 
TRP CA   C  N S 146 
TRP C    C  N N 147 
TRP O    O  N N 148 
TRP CB   C  N N 149 
TRP CG   C  Y N 150 
TRP CD1  C  Y N 151 
TRP CD2  C  Y N 152 
TRP NE1  N  Y N 153 
TRP CE2  C  Y N 154 
TRP CE3  C  Y N 155 
TRP CZ2  C  Y N 156 
TRP CZ3  C  Y N 157 
TRP CH2  C  Y N 158 
TRP OXT  O  N N 159 
TRP H    H  N N 160 
TRP H2   H  N N 161 
TRP HA   H  N N 162 
TRP HB2  H  N N 163 
TRP HB3  H  N N 164 
TRP HD1  H  N N 165 
TRP HE1  H  N N 166 
TRP HE3  H  N N 167 
TRP HZ2  H  N N 168 
TRP HZ3  H  N N 169 
TRP HH2  H  N N 170 
TRP HXT  H  N N 171 
# 
loop_
_chem_comp_bond.comp_id 
_chem_comp_bond.atom_id_1 
_chem_comp_bond.atom_id_2 
_chem_comp_bond.value_order 
_chem_comp_bond.pdbx_aromatic_flag 
_chem_comp_bond.pdbx_stereo_config 
_chem_comp_bond.pdbx_ordinal 
ACE C   O    doub N N 1   
ACE C   CH3  sing N N 2   
ACE C   H    sing N N 3   
ACE CH3 H1   sing N N 4   
ACE CH3 H2   sing N N 5   
ACE CH3 H3   sing N N 6   
ALA N   CA   sing N N 7   
ALA N   H    sing N N 8   
ALA N   H2   sing N N 9   
ALA CA  C    sing N N 10  
ALA CA  CB   sing N N 11  
ALA CA  HA   sing N N 12  
ALA C   O    doub N N 13  
ALA C   OXT  sing N N 14  
ALA CB  HB1  sing N N 15  
ALA CB  HB2  sing N N 16  
ALA CB  HB3  sing N N 17  
ALA OXT HXT  sing N N 18  
GLN N   CA   sing N N 19  
GLN N   H    sing N N 20  
GLN N   H2   sing N N 21  
GLN CA  C    sing N N 22  
GLN CA  CB   sing N N 23  
GLN CA  HA   sing N N 24  
GLN C   O    doub N N 25  
GLN C   OXT  sing N N 26  
GLN CB  CG   sing N N 27  
GLN CB  HB2  sing N N 28  
GLN CB  HB3  sing N N 29  
GLN CG  CD   sing N N 30  
GLN CG  HG2  sing N N 31  
GLN CG  HG3  sing N N 32  
GLN CD  OE1  doub N N 33  
GLN CD  NE2  sing N N 34  
GLN NE2 HE21 sing N N 35  
GLN NE2 HE22 sing N N 36  
GLN OXT HXT  sing N N 37  
GLU N   CA   sing N N 38  
GLU N   H    sing N N 39  
GLU N   H2   sing N N 40  
GLU CA  C    sing N N 41  
GLU CA  CB   sing N N 42  
GLU CA  HA   sing N N 43  
GLU C   O    doub N N 44  
GLU C   OXT  sing N N 45  
GLU CB  CG   sing N N 46  
GLU CB  HB2  sing N N 47  
GLU CB  HB3  sing N N 48  
GLU CG  CD   sing N N 49  
GLU CG  HG2  sing N N 50  
GLU CG  HG3  sing N N 51  
GLU CD  OE1  doub N N 52  
GLU CD  OE2  sing N N 53  
GLU OE2 HE2  sing N N 54  
GLU OXT HXT  sing N N 55  
GLY N   CA   sing N N 56  
GLY N   H    sing N N 57  
GLY N   H2   sing N N 58  
GLY CA  C    sing N N 59  
GLY CA  HA2  sing N N 60  
GLY CA  HA3  sing N N 61  
GLY C   O    doub N N 62  
GLY C   OXT  sing N N 63  
GLY OXT HXT  sing N N 64  
HIS N   CA   sing N N 65  
HIS N   H    sing N N 66  
HIS N   H2   sing N N 67  
HIS CA  C    sing N N 68  
HIS CA  CB   sing N N 69  
HIS CA  HA   sing N N 70  
HIS C   O    doub N N 71  
HIS C   OXT  sing N N 72  
HIS CB  CG   sing N N 73  
HIS CB  HB2  sing N N 74  
HIS CB  HB3  sing N N 75  
HIS CG  ND1  sing Y N 76  
HIS CG  CD2  doub Y N 77  
HIS ND1 CE1  doub Y N 78  
HIS ND1 HD1  sing N N 79  
HIS CD2 NE2  sing Y N 80  
HIS CD2 HD2  sing N N 81  
HIS CE1 NE2  sing Y N 82  
HIS CE1 HE1  sing N N 83  
HIS NE2 HE2  sing N N 84  
HIS OXT HXT  sing N N 85  
HOH O   H1   sing N N 86  
HOH O   H2   sing N N 87  
ILE N   CA   sing N N 88  
ILE N   H    sing N N 89  
ILE N   H2   sing N N 90  
ILE CA  C    sing N N 91  
ILE CA  CB   sing N N 92  
ILE CA  HA   sing N N 93  
ILE C   O    doub N N 94  
ILE C   OXT  sing N N 95  
ILE CB  CG1  sing N N 96  
ILE CB  CG2  sing N N 97  
ILE CB  HB   sing N N 98  
ILE CG1 CD1  sing N N 99  
ILE CG1 HG12 sing N N 100 
ILE CG1 HG13 sing N N 101 
ILE CG2 HG21 sing N N 102 
ILE CG2 HG22 sing N N 103 
ILE CG2 HG23 sing N N 104 
ILE CD1 HD11 sing N N 105 
ILE CD1 HD12 sing N N 106 
ILE CD1 HD13 sing N N 107 
ILE OXT HXT  sing N N 108 
LYS N   CA   sing N N 109 
LYS N   H    sing N N 110 
LYS N   H2   sing N N 111 
LYS CA  C    sing N N 112 
LYS CA  CB   sing N N 113 
LYS CA  HA   sing N N 114 
LYS C   O    doub N N 115 
LYS C   OXT  sing N N 116 
LYS CB  CG   sing N N 117 
LYS CB  HB2  sing N N 118 
LYS CB  HB3  sing N N 119 
LYS CG  CD   sing N N 120 
LYS CG  HG2  sing N N 121 
LYS CG  HG3  sing N N 122 
LYS CD  CE   sing N N 123 
LYS CD  HD2  sing N N 124 
LYS CD  HD3  sing N N 125 
LYS CE  NZ   sing N N 126 
LYS CE  HE2  sing N N 127 
LYS CE  HE3  sing N N 128 
LYS NZ  HZ1  sing N N 129 
LYS NZ  HZ2  sing N N 130 
LYS NZ  HZ3  sing N N 131 
LYS OXT HXT  sing N N 132 
NH2 N   HN1  sing N N 133 
NH2 N   HN2  sing N N 134 
TRP N   CA   sing N N 135 
TRP N   H    sing N N 136 
TRP N   H2   sing N N 137 
TRP CA  C    sing N N 138 
TRP CA  CB   sing N N 139 
TRP CA  HA   sing N N 140 
TRP C   O    doub N N 141 
TRP C   OXT  sing N N 142 
TRP CB  CG   sing N N 143 
TRP CB  HB2  sing N N 144 
TRP CB  HB3  sing N N 145 
TRP CG  CD1  doub Y N 146 
TRP CG  CD2  sing Y N 147 
TRP CD1 NE1  sing Y N 148 
TRP CD1 HD1  sing N N 149 
TRP CD2 CE2  doub Y N 150 
TRP CD2 CE3  sing Y N 151 
TRP NE1 CE2  sing Y N 152 
TRP NE1 HE1  sing N N 153 
TRP CE2 CZ2  sing Y N 154 
TRP CE3 CZ3  doub Y N 155 
TRP CE3 HE3  sing N N 156 
TRP CZ2 CH2  doub Y N 157 
TRP CZ2 HZ2  sing N N 158 
TRP CZ3 CH2  sing Y N 159 
TRP CZ3 HZ3  sing N N 160 
TRP CH2 HH2  sing N N 161 
TRP OXT HXT  sing N N 162 
# 
_pdbx_initial_refinement_model.id               1 
_pdbx_initial_refinement_model.entity_id_list   ? 
_pdbx_initial_refinement_model.type             'experimental model' 
_pdbx_initial_refinement_model.source_name      PDB 
_pdbx_initial_refinement_model.accession_code   4DZL 
_pdbx_initial_refinement_model.details          ? 
# 
_atom_sites.entry_id                    7L33 
_atom_sites.Cartn_transf_matrix[1][1]   ? 
_atom_sites.Cartn_transf_matrix[1][2]   ? 
_atom_sites.Cartn_transf_matrix[1][3]   ? 
_atom_sites.Cartn_transf_matrix[2][1]   ? 
_atom_sites.Cartn_transf_matrix[2][2]   ? 
_atom_sites.Cartn_transf_matrix[2][3]   ? 
_atom_sites.Cartn_transf_matrix[3][1]   ? 
_atom_sites.Cartn_transf_matrix[3][2]   ? 
_atom_sites.Cartn_transf_matrix[3][3]   ? 
_atom_sites.Cartn_transf_vector[1]      ? 
_atom_sites.Cartn_transf_vector[2]      ? 
_atom_sites.Cartn_transf_vector[3]      ? 
_atom_sites.fract_transf_matrix[1][1]   -0.02106223 
_atom_sites.fract_transf_matrix[1][2]   -0.01820139 
_atom_sites.fract_transf_matrix[1][3]   0.00949369 
_atom_sites.fract_transf_matrix[2][1]   -0.01948768 
_atom_sites.fract_transf_matrix[2][2]   -0.01112924 
_atom_sites.fract_transf_matrix[2][3]   -0.01901147 
_atom_sites.fract_transf_matrix[3][1]   0.00720933 
_atom_sites.fract_transf_matrix[3][2]   -0.00934393 
_atom_sites.fract_transf_matrix[3][3]   -0.00192001 
_atom_sites.fract_transf_vector[1]      -0.335582 
_atom_sites.fract_transf_vector[2]      0.001134 
_atom_sites.fract_transf_vector[3]      -0.023538 
_atom_sites.solution_primary            ? 
_atom_sites.solution_secondary          ? 
_atom_sites.solution_hydrogens          ? 
_atom_sites.special_details             ? 
# 
loop_
_atom_type.symbol 
C  
CU 
N  
O  
# 
loop_
_atom_site.group_PDB 
_atom_site.id 
_atom_site.type_symbol 
_atom_site.label_atom_id 
_atom_site.label_alt_id 
_atom_site.label_comp_id 
_atom_site.label_asym_id 
_atom_site.label_entity_id 
_atom_site.label_seq_id 
_atom_site.pdbx_PDB_ins_code 
_atom_site.Cartn_x 
_atom_site.Cartn_y 
_atom_site.Cartn_z 
_atom_site.occupancy 
_atom_site.B_iso_or_equiv 
_atom_site.pdbx_formal_charge 
_atom_site.auth_seq_id 
_atom_site.auth_comp_id 
_atom_site.auth_asym_id 
_atom_site.auth_atom_id 
_atom_site.pdbx_PDB_model_num 
HETATM 1   C  C   . ACE A 1 1  ? 18.763  -12.774 3.878   1.00 32.08 ? 0   ACE A C   1 
HETATM 2   O  O   . ACE A 1 1  ? 19.877  -12.352 4.187   1.00 39.37 ? 0   ACE A O   1 
HETATM 3   C  CH3 . ACE A 1 1  ? 17.663  -12.948 4.879   1.00 38.23 ? 0   ACE A CH3 1 
ATOM   4   N  N   . GLY A 1 2  ? 18.453  -13.111 2.631   1.00 31.56 ? 1   GLY A N   1 
ATOM   5   C  CA  . GLY A 1 2  ? 19.394  -13.007 1.530   1.00 23.95 ? 1   GLY A CA  1 
ATOM   6   C  C   . GLY A 1 2  ? 19.012  -11.869 0.598   1.00 29.14 ? 1   GLY A C   1 
ATOM   7   O  O   . GLY A 1 2  ? 18.234  -10.997 1.000   1.00 30.42 ? 1   GLY A O   1 
ATOM   8   N  N   A ILE A 1 3  ? 19.567  -11.862 -0.624  0.64 24.33 ? 2   ILE A N   1 
ATOM   9   N  N   B ILE A 1 3  ? 19.534  -11.895 -0.635  0.36 24.97 ? 2   ILE A N   1 
ATOM   10  C  CA  A ILE A 1 3  ? 19.258  -10.799 -1.586  0.64 24.25 ? 2   ILE A CA  1 
ATOM   11  C  CA  B ILE A 1 3  ? 19.261  -10.828 -1.599  0.36 24.51 ? 2   ILE A CA  1 
ATOM   12  C  C   A ILE A 1 3  ? 17.752  -10.694 -1.826  0.64 30.45 ? 2   ILE A C   1 
ATOM   13  C  C   B ILE A 1 3  ? 17.763  -10.701 -1.865  0.36 30.37 ? 2   ILE A C   1 
ATOM   14  O  O   A ILE A 1 3  ? 17.201  -9.592  -1.854  0.64 27.72 ? 2   ILE A O   1 
ATOM   15  O  O   B ILE A 1 3  ? 17.230  -9.589  -1.950  0.36 27.77 ? 2   ILE A O   1 
ATOM   16  C  CB  A ILE A 1 3  ? 20.032  -11.011 -2.901  0.64 27.06 ? 2   ILE A CB  1 
ATOM   17  C  CB  B ILE A 1 3  ? 20.056  -11.055 -2.901  0.36 26.94 ? 2   ILE A CB  1 
ATOM   18  C  CG1 A ILE A 1 3  ? 21.543  -10.821 -2.688  0.64 28.01 ? 2   ILE A CG1 1 
ATOM   19  C  CG1 B ILE A 1 3  ? 21.565  -11.131 -2.615  0.36 27.30 ? 2   ILE A CG1 1 
ATOM   20  C  CG2 A ILE A 1 3  ? 19.482  -10.106 -4.019  0.64 24.98 ? 2   ILE A CG2 1 
ATOM   21  C  CG2 B ILE A 1 3  ? 19.716  -9.986  -3.945  0.36 25.64 ? 2   ILE A CG2 1 
ATOM   22  C  CD1 A ILE A 1 3  ? 22.343  -11.097 -3.937  0.64 25.64 ? 2   ILE A CD1 1 
ATOM   23  C  CD1 B ILE A 1 3  ? 22.046  -10.142 -1.586  0.36 26.42 ? 2   ILE A CD1 1 
ATOM   24  N  N   . ALA A 1 4  ? 17.064  -11.832 -2.009  1.00 24.49 ? 3   ALA A N   1 
ATOM   25  C  CA  . ALA A 1 4  ? 15.620  -11.789 -2.279  1.00 24.29 ? 3   ALA A CA  1 
ATOM   26  C  C   . ALA A 1 4  ? 14.856  -11.109 -1.145  1.00 27.58 ? 3   ALA A C   1 
ATOM   27  O  O   . ALA A 1 4  ? 13.935  -10.318 -1.382  1.00 28.83 ? 3   ALA A O   1 
ATOM   28  C  CB  . ALA A 1 4  ? 15.062  -13.208 -2.493  1.00 23.20 ? 3   ALA A CB  1 
ATOM   29  N  N   . ALA A 1 5  ? 15.239  -11.395 0.090   1.00 26.14 ? 4   ALA A N   1 
ATOM   30  C  CA  . ALA A 1 5  ? 14.603  -10.768 1.237   1.00 29.37 ? 4   ALA A CA  1 
ATOM   31  C  C   . ALA A 1 5  ? 14.784  -9.257  1.196   1.00 33.20 ? 4   ALA A C   1 
ATOM   32  O  O   . ALA A 1 5  ? 13.836  -8.498  1.436   1.00 31.02 ? 4   ALA A O   1 
ATOM   33  C  CB  . ALA A 1 5  ? 15.221  -11.341 2.509   1.00 29.85 ? 4   ALA A CB  1 
ATOM   34  N  N   . ILE A 1 6  ? 16.005  -8.805  0.895   1.00 28.42 ? 5   ILE A N   1 
ATOM   35  C  CA  . ILE A 1 6  ? 16.296  -7.378  0.777   1.00 33.49 ? 5   ILE A CA  1 
ATOM   36  C  C   . ILE A 1 6  ? 15.446  -6.740  -0.310  1.00 34.16 ? 5   ILE A C   1 
ATOM   37  O  O   . ILE A 1 6  ? 14.934  -5.630  -0.139  1.00 31.05 ? 5   ILE A O   1 
ATOM   38  C  CB  . ILE A 1 6  ? 17.788  -7.161  0.494   1.00 33.56 ? 5   ILE A CB  1 
ATOM   39  C  CG1 . ILE A 1 6  ? 18.617  -7.457  1.743   1.00 39.74 ? 5   ILE A CG1 1 
ATOM   40  C  CG2 . ILE A 1 6  ? 18.026  -5.743  -0.026  1.00 35.55 ? 5   ILE A CG2 1 
ATOM   41  C  CD1 . ILE A 1 6  ? 20.069  -7.742  1.411   1.00 44.35 ? 5   ILE A CD1 1 
ATOM   42  N  N   . LYS A 1 7  ? 15.333  -7.400  -1.468  1.00 25.87 ? 6   LYS A N   1 
ATOM   43  C  CA  . LYS A 1 7  ? 14.517  -6.862  -2.552  1.00 27.82 ? 6   LYS A CA  1 
ATOM   44  C  C   . LYS A 1 7  ? 13.051  -6.753  -2.159  1.00 37.59 ? 6   LYS A C   1 
ATOM   45  O  O   . LYS A 1 7  ? 12.369  -5.815  -2.575  1.00 37.12 ? 6   LYS A O   1 
ATOM   46  C  CB  . LYS A 1 7  ? 14.669  -7.713  -3.815  1.00 25.40 ? 6   LYS A CB  1 
ATOM   47  C  CG  . LYS A 1 7  ? 15.992  -7.552  -4.542  1.00 31.16 ? 6   LYS A CG  1 
ATOM   48  C  CD  . LYS A 1 7  ? 15.996  -8.422  -5.798  1.00 45.05 ? 6   LYS A CD  1 
ATOM   49  C  CE  . LYS A 1 7  ? 17.383  -8.605  -6.421  1.00 51.33 ? 6   LYS A CE  1 
ATOM   50  N  NZ  . LYS A 1 7  ? 18.039  -7.346  -6.855  1.00 54.40 ? 6   LYS A NZ  1 
ATOM   51  N  N   . GLN A 1 8  ? 12.551  -7.680  -1.345  1.00 33.46 ? 7   GLN A N   1 
ATOM   52  C  CA  . GLN A 1 8  ? 11.170  -7.581  -0.894  1.00 34.61 ? 7   GLN A CA  1 
ATOM   53  C  C   . GLN A 1 8  ? 10.989  -6.428  0.086   1.00 40.67 ? 7   GLN A C   1 
ATOM   54  O  O   . GLN A 1 8  ? 9.915   -5.817  0.137   1.00 39.87 ? 7   GLN A O   1 
ATOM   55  C  CB  . GLN A 1 8  ? 10.706  -8.923  -0.322  1.00 32.68 ? 7   GLN A CB  1 
ATOM   56  C  CG  . GLN A 1 8  ? 10.585  -10.011 -1.417  1.00 53.30 ? 7   GLN A CG  1 
ATOM   57  C  CD  . GLN A 1 8  ? 10.007  -11.349 -0.924  1.00 68.30 ? 7   GLN A CD  1 
ATOM   58  O  OE1 . GLN A 1 8  ? 9.072   -11.379 -0.112  1.00 80.48 ? 7   GLN A OE1 1 
ATOM   59  N  NE2 . GLN A 1 8  ? 10.561  -12.462 -1.430  1.00 46.88 ? 7   GLN A NE2 1 
ATOM   60  N  N   . GLU A 1 9  ? 12.017  -6.101  0.861   1.00 34.23 ? 8   GLU A N   1 
ATOM   61  C  CA  . GLU A 1 9  ? 11.879  -4.953  1.746   1.00 35.56 ? 8   GLU A CA  1 
ATOM   62  C  C   . GLU A 1 9  ? 12.048  -3.633  1.008   1.00 42.73 ? 8   GLU A C   1 
ATOM   63  O  O   . GLU A 1 9  ? 11.457  -2.634  1.418   1.00 42.64 ? 8   GLU A O   1 
ATOM   64  C  CB  . GLU A 1 9  ? 12.841  -5.045  2.926   1.00 41.67 ? 8   GLU A CB  1 
ATOM   65  C  CG  . GLU A 1 9  ? 12.529  -6.191  3.849   1.00 57.79 ? 8   GLU A CG  1 
ATOM   66  C  CD  . GLU A 1 9  ? 11.364  -5.864  4.770   1.00 68.75 ? 8   GLU A CD  1 
ATOM   67  O  OE1 . GLU A 1 9  ? 10.198  -5.996  4.328   1.00 74.89 ? 8   GLU A OE1 1 
ATOM   68  O  OE2 . GLU A 1 9  ? 11.615  -5.458  5.925   1.00 75.13 ? 8   GLU A OE2 1 
ATOM   69  N  N   . HIS A 1 10 ? 12.802  -3.617  -0.092  1.00 38.64 ? 9   HIS A N   1 
ATOM   70  C  CA  . HIS A 1 10 ? 12.850  -2.438  -0.953  1.00 39.93 ? 9   HIS A CA  1 
ATOM   71  C  C   . HIS A 1 10 ? 11.478  -2.132  -1.523  1.00 42.77 ? 9   HIS A C   1 
ATOM   72  O  O   . HIS A 1 10 ? 11.000  -0.997  -1.460  1.00 36.52 ? 9   HIS A O   1 
ATOM   73  C  CB  . HIS A 1 10 ? 13.770  -2.709  -2.136  1.00 42.58 ? 9   HIS A CB  1 
ATOM   74  C  CG  . HIS A 1 10 ? 15.182  -2.294  -1.921  1.00 50.66 ? 9   HIS A CG  1 
ATOM   75  N  ND1 . HIS A 1 10 ? 16.204  -2.696  -2.751  1.00 61.57 ? 9   HIS A ND1 1 
ATOM   76  C  CD2 . HIS A 1 10 ? 15.747  -1.502  -0.980  1.00 62.08 ? 9   HIS A CD2 1 
ATOM   77  C  CE1 . HIS A 1 10 ? 17.343  -2.175  -2.329  1.00 60.77 ? 9   HIS A CE1 1 
ATOM   78  N  NE2 . HIS A 1 10 ? 17.093  -1.448  -1.254  1.00 63.96 ? 9   HIS A NE2 1 
ATOM   79  N  N   . ALA A 1 11 ? 10.838  -3.138  -2.112  1.00 36.31 ? 10  ALA A N   1 
ATOM   80  C  CA  . ALA A 1 11 ? 9.521   -2.925  -2.695  1.00 38.24 ? 10  ALA A CA  1 
ATOM   81  C  C   . ALA A 1 11 ? 8.528   -2.385  -1.663  1.00 42.43 ? 10  ALA A C   1 
ATOM   82  O  O   . ALA A 1 11 ? 7.729   -1.499  -1.973  1.00 42.49 ? 10  ALA A O   1 
ATOM   83  C  CB  . ALA A 1 11 ? 9.020   -4.229  -3.312  1.00 39.33 ? 10  ALA A CB  1 
ATOM   84  N  N   . ALA A 1 12 ? 8.569   -2.895  -0.432  1.00 41.52 ? 11  ALA A N   1 
ATOM   85  C  CA  . ALA A 1 12 ? 7.683   -2.369  0.605   1.00 41.14 ? 11  ALA A CA  1 
ATOM   86  C  C   . ALA A 1 12 ? 8.006   -0.909  0.901   1.00 43.28 ? 11  ALA A C   1 
ATOM   87  O  O   . ALA A 1 12 ? 7.107   -0.057  0.960   1.00 47.30 ? 11  ALA A O   1 
ATOM   88  C  CB  . ALA A 1 12 ? 7.790   -3.214  1.874   1.00 40.11 ? 11  ALA A CB  1 
ATOM   89  N  N   . ILE A 1 13 ? 9.296   -0.599  1.079   1.00 39.36 ? 12  ILE A N   1 
ATOM   90  C  CA  . ILE A 1 13 ? 9.707   0.777   1.325   1.00 37.63 ? 12  ILE A CA  1 
ATOM   91  C  C   . ILE A 1 13 ? 9.228   1.662   0.191   1.00 42.99 ? 12  ILE A C   1 
ATOM   92  O  O   . ILE A 1 13 ? 8.713   2.762   0.419   1.00 32.97 ? 12  ILE A O   1 
ATOM   93  C  CB  . ILE A 1 13 ? 11.234  0.864   1.496   1.00 37.21 ? 12  ILE A CB  1 
ATOM   94  C  CG1 . ILE A 1 13 ? 11.674  0.287   2.841   1.00 41.15 ? 12  ILE A CG1 1 
ATOM   95  C  CG2 . ILE A 1 13 ? 11.690  2.287   1.393   1.00 38.04 ? 12  ILE A CG2 1 
ATOM   96  C  CD1 . ILE A 1 13 ? 13.170  0.014   2.934   1.00 44.21 ? 12  ILE A CD1 1 
ATOM   97  N  N   . LYS A 1 14 ? 9.358   1.180   -1.055  1.00 36.57 ? 13  LYS A N   1 
ATOM   98  C  CA  . LYS A 1 14 ? 8.955   1.988   -2.202  1.00 33.93 ? 13  LYS A CA  1 
ATOM   99  C  C   . LYS A 1 14 ? 7.453   2.234   -2.217  1.00 42.53 ? 13  LYS A C   1 
ATOM   100 O  O   . LYS A 1 14 ? 7.010   3.280   -2.695  1.00 38.22 ? 13  LYS A O   1 
ATOM   101 C  CB  . LYS A 1 14 ? 9.412   1.352   -3.521  1.00 38.85 ? 13  LYS A CB  1 
ATOM   102 C  CG  . LYS A 1 14 ? 10.874  1.567   -3.845  1.00 35.80 ? 13  LYS A CG  1 
ATOM   103 N  N   . GLN A 1 15 ? 6.658   1.311   -1.668  1.00 42.47 ? 14  GLN A N   1 
ATOM   104 C  CA  . GLN A 1 15 ? 5.223   1.547   -1.548  1.00 44.91 ? 14  GLN A CA  1 
ATOM   105 C  C   . GLN A 1 15 ? 4.902   2.487   -0.392  1.00 40.86 ? 14  GLN A C   1 
ATOM   106 O  O   . GLN A 1 15 ? 3.940   3.257   -0.477  1.00 36.30 ? 14  GLN A O   1 
ATOM   107 C  CB  . GLN A 1 15 ? 4.463   0.222   -1.432  1.00 46.89 ? 14  GLN A CB  1 
ATOM   108 C  CG  . GLN A 1 15 ? 4.161   -0.404  -2.782  1.00 49.75 ? 14  GLN A CG  1 
ATOM   109 C  CD  . GLN A 1 15 ? 3.311   -1.658  -2.673  1.00 60.98 ? 14  GLN A CD  1 
ATOM   110 O  OE1 . GLN A 1 15 ? 2.403   -1.875  -3.478  1.00 62.72 ? 14  GLN A OE1 1 
ATOM   111 N  NE2 . GLN A 1 15 ? 3.610   -2.497  -1.681  1.00 54.66 ? 14  GLN A NE2 1 
ATOM   112 N  N   . GLU A 1 16 ? 5.690   2.440   0.686   1.00 37.21 ? 15  GLU A N   1 
ATOM   113 C  CA  . GLU A 1 16 ? 5.501   3.398   1.765   1.00 30.38 ? 15  GLU A CA  1 
ATOM   114 C  C   . GLU A 1 16 ? 5.733   4.813   1.264   1.00 39.52 ? 15  GLU A C   1 
ATOM   115 O  O   . GLU A 1 16 ? 4.993   5.745   1.616   1.00 33.71 ? 15  GLU A O   1 
ATOM   116 C  CB  . GLU A 1 16 ? 6.487   3.107   2.893   1.00 32.73 ? 15  GLU A CB  1 
ATOM   117 C  CG  . GLU A 1 16 ? 6.254   1.785   3.593   1.00 47.98 ? 15  GLU A CG  1 
ATOM   118 C  CD  . GLU A 1 16 ? 5.111   1.872   4.576   1.00 60.90 ? 15  GLU A CD  1 
ATOM   119 O  OE1 . GLU A 1 16 ? 4.862   2.983   5.092   1.00 60.55 ? 15  GLU A OE1 1 
ATOM   120 O  OE2 . GLU A 1 16 ? 4.451   0.842   4.822   1.00 78.63 ? 15  GLU A OE2 1 
ATOM   121 N  N   . ILE A 1 17 ? 6.740   4.982   0.411   1.00 34.71 ? 16  ILE A N   1 
ATOM   122 C  CA  . ILE A 1 17 ? 7.092   6.300   -0.098  1.00 31.55 ? 16  ILE A CA  1 
ATOM   123 C  C   . ILE A 1 17 ? 6.038   6.819   -1.070  1.00 38.72 ? 16  ILE A C   1 
ATOM   124 O  O   . ILE A 1 17 ? 5.673   8.002   -1.032  1.00 34.00 ? 16  ILE A O   1 
ATOM   125 C  CB  . ILE A 1 17 ? 8.496   6.251   -0.713  1.00 26.86 ? 16  ILE A CB  1 
ATOM   126 C  CG1 . ILE A 1 17 ? 9.516   6.016   0.403   1.00 33.31 ? 16  ILE A CG1 1 
ATOM   127 C  CG2 . ILE A 1 17 ? 8.786   7.503   -1.508  1.00 40.12 ? 16  ILE A CG2 1 
ATOM   128 C  CD1 . ILE A 1 17 ? 10.926  5.900   -0.076  1.00 37.60 ? 16  ILE A CD1 1 
ATOM   129 N  N   . ALA A 1 18 ? 5.540   5.960   -1.962  1.00 38.80 ? 17  ALA A N   1 
ATOM   130 C  CA  . ALA A 1 18 ? 4.539   6.403   -2.928  1.00 28.98 ? 17  ALA A CA  1 
ATOM   131 C  C   . ALA A 1 18 ? 3.278   6.882   -2.228  1.00 31.47 ? 17  ALA A C   1 
ATOM   132 O  O   . ALA A 1 18 ? 2.705   7.911   -2.599  1.00 34.21 ? 17  ALA A O   1 
ATOM   133 C  CB  . ALA A 1 18 ? 4.184   5.263   -3.877  1.00 36.97 ? 17  ALA A CB  1 
ATOM   134 N  N   . ALA A 1 19 ? 2.838   6.156   -1.206  1.00 31.37 ? 18  ALA A N   1 
ATOM   135 C  CA  . ALA A 1 19 ? 1.670   6.587   -0.446  1.00 32.94 ? 18  ALA A CA  1 
ATOM   136 C  C   . ALA A 1 19 ? 1.935   7.905   0.272   1.00 34.82 ? 18  ALA A C   1 
ATOM   137 O  O   . ALA A 1 19 ? 1.051   8.766   0.341   1.00 30.44 ? 18  ALA A O   1 
ATOM   138 C  CB  . ALA A 1 19 ? 1.274   5.507   0.560   1.00 33.64 ? 18  ALA A CB  1 
ATOM   139 N  N   . ILE A 1 20 ? 3.143   8.079   0.822   1.00 29.04 ? 19  ILE A N   1 
ATOM   140 C  CA  . ILE A 1 20 ? 3.480   9.343   1.475   1.00 27.32 ? 19  ILE A CA  1 
ATOM   141 C  C   . ILE A 1 20 ? 3.352   10.489  0.484   1.00 34.46 ? 19  ILE A C   1 
ATOM   142 O  O   . ILE A 1 20 ? 2.810   11.555  0.810   1.00 25.57 ? 19  ILE A O   1 
ATOM   143 C  CB  . ILE A 1 20 ? 4.894   9.293   2.086   1.00 24.12 ? 19  ILE A CB  1 
ATOM   144 C  CG1 . ILE A 1 20 ? 4.876   8.579   3.433   1.00 28.67 ? 19  ILE A CG1 1 
ATOM   145 C  CG2 . ILE A 1 20 ? 5.454   10.712  2.255   1.00 26.67 ? 19  ILE A CG2 1 
ATOM   146 C  CD1 . ILE A 1 20 ? 6.263   8.126   3.933   1.00 29.36 ? 19  ILE A CD1 1 
ATOM   147 N  N   . LYS A 1 21 ? 3.840   10.284  -0.749  1.00 27.46 ? 20  LYS A N   1 
ATOM   148 C  CA  . LYS A 1 21 ? 3.748   11.321  -1.773  1.00 25.39 ? 20  LYS A CA  1 
ATOM   149 C  C   . LYS A 1 21 ? 2.293   11.638  -2.094  1.00 29.68 ? 20  LYS A C   1 
ATOM   150 O  O   . LYS A 1 21 ? 1.943   12.801  -2.315  1.00 26.61 ? 20  LYS A O   1 
ATOM   151 C  CB  . LYS A 1 21 ? 4.511   10.891  -3.032  1.00 31.97 ? 20  LYS A CB  1 
ATOM   152 C  CG  . LYS A 1 21 ? 6.002   10.758  -2.848  1.00 29.93 ? 20  LYS A CG  1 
ATOM   153 C  CD  . LYS A 1 21 ? 6.680   10.075  -4.050  1.00 40.27 ? 20  LYS A CD  1 
ATOM   154 C  CE  . LYS A 1 21 ? 7.374   11.075  -4.963  1.00 53.66 ? 20  LYS A CE  1 
ATOM   155 N  NZ  . LYS A 1 21 ? 8.658   10.539  -5.523  1.00 63.36 ? 20  LYS A NZ  1 
ATOM   156 N  N   . GLN A 1 22 ? 1.422   10.639  -2.029  1.00 26.97 ? 21  GLN A N   1 
ATOM   157 C  CA  . GLN A 1 22 ? -0.022  10.866  -2.301  1.00 30.37 ? 21  GLN A CA  1 
ATOM   158 C  C   . GLN A 1 22 ? -0.636  11.696  -1.174  1.00 30.58 ? 21  GLN A C   1 
ATOM   159 O  O   . GLN A 1 22 ? -1.482  12.519  -1.451  1.00 31.06 ? 21  GLN A O   1 
ATOM   160 C  CB  . GLN A 1 22 ? -0.776  9.544   -2.303  1.00 34.21 ? 21  GLN A CB  1 
ATOM   161 C  CG  . GLN A 1 22 ? -1.783  9.423   -3.415  1.00 46.69 ? 21  GLN A CG  1 
ATOM   162 C  CD  . GLN A 1 22 ? -1.810  7.990   -3.873  1.00 67.33 ? 21  GLN A CD  1 
ATOM   163 O  OE1 . GLN A 1 22 ? -1.300  7.106   -3.200  1.00 57.75 ? 21  GLN A OE1 1 
ATOM   164 N  NE2 . GLN A 1 22 ? -2.400  7.759   -5.032  1.00 81.37 ? 21  GLN A NE2 1 
ATOM   165 N  N   . GLU A 1 23 ? -0.279  11.408  0.047   1.00 27.91 ? 22  GLU A N   1 
ATOM   166 C  CA  . GLU A 1 23 ? -0.814  12.166  1.199   1.00 25.85 ? 22  GLU A CA  1 
ATOM   167 C  C   . GLU A 1 23 ? -0.306  13.609  1.127   1.00 26.33 ? 22  GLU A C   1 
ATOM   168 O  O   . GLU A 1 23 ? -1.050  14.512  1.471   1.00 21.96 ? 22  GLU A O   1 
ATOM   169 C  CB  . GLU A 1 23 ? -0.367  11.512  2.503   1.00 27.67 ? 22  GLU A CB  1 
ATOM   170 C  CG  . GLU A 1 23 ? -1.256  11.860  3.667   1.00 36.45 ? 22  GLU A CG  1 
ATOM   171 C  CD  . GLU A 1 23 ? -2.612  12.318  3.184   1.00 33.25 ? 22  GLU A CD  1 
ATOM   172 O  OE1 . GLU A 1 23 ? -3.235  11.549  2.446   1.00 28.14 ? 22  GLU A OE1 1 
ATOM   173 O  OE2 . GLU A 1 23 ? -3.027  13.433  3.529   1.00 37.08 ? 22  GLU A OE2 1 
ATOM   174 N  N   . ILE A 1 24 ? 0.954   13.791  0.728   1.00 24.85 ? 23  ILE A N   1 
ATOM   175 C  CA  . ILE A 1 24 ? 1.509   15.135  0.636   1.00 20.52 ? 23  ILE A CA  1 
ATOM   176 C  C   . ILE A 1 24 ? 0.747   15.928  -0.419  1.00 26.09 ? 23  ILE A C   1 
ATOM   177 O  O   . ILE A 1 24 ? 0.396   17.095  -0.208  1.00 21.15 ? 23  ILE A O   1 
ATOM   178 C  CB  . ILE A 1 24 ? 3.021   15.079  0.343   1.00 21.08 ? 23  ILE A CB  1 
ATOM   179 C  CG1 . ILE A 1 24 ? 3.786   14.651  1.595   1.00 20.14 ? 23  ILE A CG1 1 
ATOM   180 C  CG2 . ILE A 1 24 ? 3.542   16.412  -0.192  1.00 28.86 ? 23  ILE A CG2 1 
ATOM   181 C  CD1 . ILE A 1 24 ? 5.267   14.471  1.350   1.00 29.36 ? 23  ILE A CD1 1 
ATOM   182 N  N   . ALA A 1 25 ? 0.445   15.290  -1.558  1.00 21.78 ? 24  ALA A N   1 
ATOM   183 C  CA  . ALA A 1 25 ? -0.315  15.970  -2.603  1.00 17.46 ? 24  ALA A CA  1 
ATOM   184 C  C   . ALA A 1 25 ? -1.684  16.370  -2.082  1.00 24.22 ? 24  ALA A C   1 
ATOM   185 O  O   . ALA A 1 25 ? -2.155  17.477  -2.345  1.00 22.91 ? 24  ALA A O   1 
ATOM   186 C  CB  . ALA A 1 25 ? -0.484  15.054  -3.818  1.00 21.45 ? 24  ALA A CB  1 
ATOM   187 N  N   . ALA A 1 26 ? -2.343  15.482  -1.336  1.00 20.13 ? 25  ALA A N   1 
ATOM   188 C  CA  . ALA A 1 26 ? -3.672  15.790  -0.822  1.00 24.72 ? 25  ALA A CA  1 
ATOM   189 C  C   . ALA A 1 26 ? -3.611  16.929  0.186   1.00 23.32 ? 25  ALA A C   1 
ATOM   190 O  O   . ALA A 1 26 ? -4.498  17.792  0.239   1.00 21.13 ? 25  ALA A O   1 
ATOM   191 C  CB  . ALA A 1 26 ? -4.292  14.549  -0.189  1.00 21.21 ? 25  ALA A CB  1 
ATOM   192 N  N   . ILE A 1 27 ? -2.557  16.963  0.990   1.00 20.78 ? 26  ILE A N   1 
ATOM   193 C  CA  . ILE A 1 27 ? -2.426  18.050  1.954   1.00 17.84 ? 26  ILE A CA  1 
ATOM   194 C  C   . ILE A 1 27 ? -2.347  19.383  1.228   1.00 22.39 ? 26  ILE A C   1 
ATOM   195 O  O   . ILE A 1 27 ? -2.915  20.402  1.671   1.00 22.67 ? 26  ILE A O   1 
ATOM   196 C  CB  . ILE A 1 27 ? -1.188  17.840  2.846   1.00 18.34 ? 26  ILE A CB  1 
ATOM   197 C  CG1 . ILE A 1 27 ? -1.498  16.803  3.911   1.00 20.27 ? 26  ILE A CG1 1 
ATOM   198 C  CG2 . ILE A 1 27 ? -0.797  19.153  3.525   1.00 21.58 ? 26  ILE A CG2 1 
ATOM   199 C  CD1 . ILE A 1 27 ? -0.241  16.224  4.568   1.00 19.81 ? 26  ILE A CD1 1 
ATOM   200 N  N   . LYS A 1 28 ? -1.684  19.386  0.088   1.00 18.34 ? 27  LYS A N   1 
ATOM   201 C  CA  . LYS A 1 28 ? -1.531  20.667  -0.633  1.00 19.59 ? 27  LYS A CA  1 
ATOM   202 C  C   . LYS A 1 28 ? -2.776  21.008  -1.454  1.00 24.85 ? 27  LYS A C   1 
ATOM   203 O  O   . LYS A 1 28 ? -3.170  22.150  -1.425  1.00 22.08 ? 27  LYS A O   1 
ATOM   204 C  CB  . LYS A 1 28 ? -0.351  20.577  -1.598  1.00 22.75 ? 27  LYS A CB  1 
ATOM   205 C  CG  . LYS A 1 28 ? 1.018   20.547  -0.940  1.00 19.04 ? 27  LYS A CG  1 
ATOM   206 C  CD  . LYS A 1 28 ? 2.143   20.602  -1.940  1.00 31.31 ? 27  LYS A CD  1 
ATOM   207 C  CE  . LYS A 1 28 ? 2.179   19.369  -2.807  1.00 35.59 ? 27  LYS A CE  1 
ATOM   208 N  NZ  . LYS A 1 28 ? 3.366   19.326  -3.693  1.00 42.29 ? 27  LYS A NZ  1 
ATOM   209 N  N   . TRP A 1 29 ? -3.399  20.021  -2.089  1.00 23.38 ? 28  TRP A N   1 
ATOM   210 C  CA  . TRP A 1 29 ? -4.432  20.364  -3.111  1.00 21.99 ? 28  TRP A CA  1 
ATOM   211 C  C   . TRP A 1 29 ? -5.879  19.969  -2.828  1.00 27.20 ? 28  TRP A C   1 
ATOM   212 O  O   . TRP A 1 29 ? -6.723  20.405  -3.598  1.00 23.64 ? 28  TRP A O   1 
ATOM   213 C  CB  . TRP A 1 29 ? -3.973  19.823  -4.469  1.00 25.11 ? 28  TRP A CB  1 
ATOM   214 C  CG  . TRP A 1 29 ? -2.628  20.360  -4.841  1.00 22.50 ? 28  TRP A CG  1 
ATOM   215 C  CD1 . TRP A 1 29 ? -2.212  21.651  -4.737  1.00 30.36 ? 28  TRP A CD1 1 
ATOM   216 C  CD2 . TRP A 1 29 ? -1.509  19.624  -5.346  1.00 35.22 ? 28  TRP A CD2 1 
ATOM   217 N  NE1 . TRP A 1 29 ? -0.920  21.770  -5.154  1.00 37.06 ? 28  TRP A NE1 1 
ATOM   218 C  CE2 . TRP A 1 29 ? -0.462  20.543  -5.530  1.00 29.35 ? 28  TRP A CE2 1 
ATOM   219 C  CE3 . TRP A 1 29 ? -1.293  18.288  -5.664  1.00 25.11 ? 28  TRP A CE3 1 
ATOM   220 C  CZ2 . TRP A 1 29 ? 0.779   20.170  -6.026  1.00 35.07 ? 28  TRP A CZ2 1 
ATOM   221 C  CZ3 . TRP A 1 29 ? -0.064  17.920  -6.155  1.00 32.22 ? 28  TRP A CZ3 1 
ATOM   222 C  CH2 . TRP A 1 29 ? 0.958   18.845  -6.326  1.00 35.02 ? 28  TRP A CH2 1 
ATOM   223 N  N   . GLU A 1 30 ? -6.157  19.168  -1.811  1.00 21.85 ? 29  GLU A N   1 
ATOM   224 C  CA  . GLU A 1 30 ? -7.547  18.787  -1.576  1.00 28.37 ? 29  GLU A CA  1 
ATOM   225 C  C   . GLU A 1 30 ? -8.416  20.024  -1.361  1.00 32.13 ? 29  GLU A C   1 
ATOM   226 O  O   . GLU A 1 30 ? -8.038  20.949  -0.637  1.00 29.65 ? 29  GLU A O   1 
ATOM   227 C  CB  . GLU A 1 30 ? -7.654  17.868  -0.361  1.00 28.48 ? 29  GLU A CB  1 
ATOM   228 C  CG  . GLU A 1 30 ? -8.989  17.156  -0.234  1.00 32.66 ? 29  GLU A CG  1 
ATOM   229 C  CD  . GLU A 1 30 ? -9.323  16.326  -1.476  1.00 53.29 ? 29  GLU A CD  1 
ATOM   230 O  OE1 . GLU A 1 30 ? -10.483 16.393  -1.958  1.00 61.55 ? 29  GLU A OE1 1 
ATOM   231 O  OE2 . GLU A 1 30 ? -8.423  15.609  -1.973  1.00 55.13 ? 29  GLU A OE2 1 
ATOM   232 N  N   . GLY A 1 31 ? -9.570  20.048  -2.021  1.00 35.64 ? 30  GLY A N   1 
ATOM   233 C  CA  . GLY A 1 31 ? -10.502 21.155  -1.881  1.00 32.98 ? 30  GLY A CA  1 
ATOM   234 C  C   . GLY A 1 31 ? -10.266 22.280  -2.866  1.00 40.37 ? 30  GLY A C   1 
ATOM   235 O  O   . GLY A 1 31 ? -9.280  22.278  -3.614  1.00 35.91 ? 30  GLY A O   1 
HETATM 236 N  N   . NH2 A 1 32 ? -11.170 23.256  -2.865  1.00 40.78 ? 31  NH2 A N   1 
HETATM 237 C  C   . ACE B 1 1  ? 3.793   -21.597 -0.255  1.00 61.63 ? 0   ACE B C   1 
HETATM 238 O  O   . ACE B 1 1  ? 3.403   -21.009 -1.195  1.00 54.41 ? 0   ACE B O   1 
HETATM 239 C  CH3 . ACE B 1 1  ? 3.495   -23.051 -0.034  1.00 60.92 ? 0   ACE B CH3 1 
ATOM   240 N  N   . GLY B 1 2  ? 4.457   -21.053 0.717   1.00 55.03 ? 1   GLY B N   1 
ATOM   241 C  CA  . GLY B 1 2  ? 5.902   -20.772 0.707   1.00 40.43 ? 1   GLY B CA  1 
ATOM   242 C  C   . GLY B 1 2  ? 6.170   -19.668 1.700   1.00 40.24 ? 1   GLY B C   1 
ATOM   243 O  O   . GLY B 1 2  ? 5.449   -18.672 1.645   1.00 53.01 ? 1   GLY B O   1 
ATOM   244 N  N   . ILE B 1 3  ? 7.137   -19.856 2.588   1.00 42.07 ? 2   ILE B N   1 
ATOM   245 C  CA  . ILE B 1 3  ? 7.441   -18.827 3.621   1.00 40.54 ? 2   ILE B CA  1 
ATOM   246 C  C   . ILE B 1 3  ? 7.627   -17.467 2.951   1.00 42.07 ? 2   ILE B C   1 
ATOM   247 O  O   . ILE B 1 3  ? 7.153   -16.496 3.521   1.00 56.32 ? 2   ILE B O   1 
ATOM   248 C  CB  . ILE B 1 3  ? 8.609   -19.247 4.526   1.00 50.47 ? 2   ILE B CB  1 
ATOM   249 C  CG1 . ILE B 1 3  ? 8.152   -20.315 5.523   1.00 45.22 ? 2   ILE B CG1 1 
ATOM   250 C  CG2 . ILE B 1 3  ? 9.175   -18.032 5.249   1.00 47.04 ? 2   ILE B CG2 1 
ATOM   251 C  CD1 . ILE B 1 3  ? 8.397   -21.722 5.086   1.00 49.33 ? 2   ILE B CD1 1 
ATOM   252 N  N   . ALA B 1 4  ? 8.150   -17.430 1.720   1.00 41.74 ? 3   ALA B N   1 
ATOM   253 C  CA  . ALA B 1 4  ? 8.307   -16.145 1.050   1.00 45.34 ? 3   ALA B CA  1 
ATOM   254 C  C   . ALA B 1 4  ? 6.955   -15.575 0.632   1.00 45.21 ? 3   ALA B C   1 
ATOM   255 O  O   . ALA B 1 4  ? 6.734   -14.357 0.711   1.00 54.11 ? 3   ALA B O   1 
ATOM   256 C  CB  . ALA B 1 4  ? 9.264   -16.277 -0.138  1.00 48.65 ? 3   ALA B CB  1 
ATOM   257 N  N   . ALA B 1 5  ? 6.054   -16.438 0.156   1.00 42.43 ? 4   ALA B N   1 
ATOM   258 C  CA  . ALA B 1 5  ? 4.709   -15.982 -0.157  1.00 46.11 ? 4   ALA B CA  1 
ATOM   259 C  C   . ALA B 1 5  ? 4.015   -15.493 1.104   1.00 50.83 ? 4   ALA B C   1 
ATOM   260 O  O   . ALA B 1 5  ? 3.443   -14.394 1.130   1.00 57.35 ? 4   ALA B O   1 
ATOM   261 C  CB  . ALA B 1 5  ? 3.925   -17.117 -0.811  1.00 47.91 ? 4   ALA B CB  1 
ATOM   262 N  N   . ILE B 1 6  ? 4.099   -16.278 2.180   1.00 54.16 ? 5   ILE B N   1 
ATOM   263 C  CA  . ILE B 1 6  ? 3.506   -15.880 3.452   1.00 50.46 ? 5   ILE B CA  1 
ATOM   264 C  C   . ILE B 1 6  ? 4.112   -14.568 3.929   1.00 52.63 ? 5   ILE B C   1 
ATOM   265 O  O   . ILE B 1 6  ? 3.396   -13.639 4.319   1.00 62.71 ? 5   ILE B O   1 
ATOM   266 C  CB  . ILE B 1 6  ? 3.708   -16.993 4.492   1.00 54.56 ? 5   ILE B CB  1 
ATOM   267 C  CG1 . ILE B 1 6  ? 2.917   -18.238 4.096   1.00 58.87 ? 5   ILE B CG1 1 
ATOM   268 C  CG2 . ILE B 1 6  ? 3.345   -16.485 5.877   1.00 58.80 ? 5   ILE B CG2 1 
ATOM   269 C  CD1 . ILE B 1 6  ? 3.494   -19.522 4.669   1.00 53.62 ? 5   ILE B CD1 1 
ATOM   270 N  N   . LYS B 1 7  ? 5.445   -14.466 3.875   1.00 57.06 ? 6   LYS B N   1 
ATOM   271 C  CA  . LYS B 1 7  ? 6.128   -13.259 4.324   1.00 48.81 ? 6   LYS B CA  1 
ATOM   272 C  C   . LYS B 1 7  ? 5.721   -12.054 3.495   1.00 54.23 ? 6   LYS B C   1 
ATOM   273 O  O   . LYS B 1 7  ? 5.636   -10.938 4.022   1.00 55.86 ? 6   LYS B O   1 
ATOM   274 C  CB  . LYS B 1 7  ? 7.642   -13.457 4.260   1.00 53.13 ? 6   LYS B CB  1 
ATOM   275 C  CG  . LYS B 1 7  ? 8.226   -14.294 5.393   1.00 53.03 ? 6   LYS B CG  1 
ATOM   276 N  N   . GLN B 1 8  ? 5.423   -12.280 2.220   1.00 57.15 ? 7   GLN B N   1 
ATOM   277 C  CA  . GLN B 1 8  ? 4.962   -11.165 1.359   1.00 58.11 ? 7   GLN B CA  1 
ATOM   278 C  C   . GLN B 1 8  ? 3.534   -10.787 1.752   1.00 60.07 ? 7   GLN B C   1 
ATOM   279 O  O   . GLN B 1 8  ? 3.229   -9.591  1.796   1.00 64.38 ? 7   GLN B O   1 
ATOM   280 C  CB  . GLN B 1 8  ? 5.001   -11.573 -0.111  1.00 60.15 ? 7   GLN B CB  1 
ATOM   281 N  N   . GLU B 1 9  ? 2.699   -11.777 2.061   1.00 58.25 ? 8   GLU B N   1 
ATOM   282 C  CA  . GLU B 1 9  ? 1.312   -11.473 2.396   1.00 59.93 ? 8   GLU B CA  1 
ATOM   283 C  C   . GLU B 1 9  ? 1.164   -10.849 3.783   1.00 59.29 ? 8   GLU B C   1 
ATOM   284 O  O   . GLU B 1 9  ? 0.181   -10.147 4.036   1.00 61.81 ? 8   GLU B O   1 
ATOM   285 C  CB  . GLU B 1 9  ? 0.419   -12.710 2.231   1.00 59.45 ? 8   GLU B CB  1 
ATOM   286 C  CG  . GLU B 1 9  ? -0.385  -12.744 0.938   1.00 56.84 ? 8   GLU B CG  1 
ATOM   287 N  N   . HIS B 1 10 ? 2.110   -11.092 4.687   1.00 60.16 ? 9   HIS B N   1 
ATOM   288 C  CA  . HIS B 1 10 ? 2.136   -10.369 5.956   1.00 56.49 ? 9   HIS B CA  1 
ATOM   289 C  C   . HIS B 1 10 ? 2.349   -8.880  5.736   1.00 50.77 ? 9   HIS B C   1 
ATOM   290 O  O   . HIS B 1 10 ? 1.664   -8.048  6.341   1.00 57.79 ? 9   HIS B O   1 
ATOM   291 C  CB  . HIS B 1 10 ? 3.206   -10.956 6.869   1.00 58.43 ? 9   HIS B CB  1 
ATOM   292 C  CG  . HIS B 1 10 ? 2.672   -11.976 7.820   1.00 64.42 ? 9   HIS B CG  1 
ATOM   293 N  ND1 . HIS B 1 10 ? 3.407   -13.063 8.244   1.00 78.37 ? 9   HIS B ND1 1 
ATOM   294 C  CD2 . HIS B 1 10 ? 1.472   -12.069 8.438   1.00 68.12 ? 9   HIS B CD2 1 
ATOM   295 C  CE1 . HIS B 1 10 ? 2.677   -13.788 9.072   1.00 71.99 ? 9   HIS B CE1 1 
ATOM   296 N  NE2 . HIS B 1 10 ? 1.499   -13.207 9.208   1.00 73.40 ? 9   HIS B NE2 1 
ATOM   297 N  N   . ALA B 1 11 ? 3.334   -8.521  4.911   1.00 56.17 ? 10  ALA B N   1 
ATOM   298 C  CA  . ALA B 1 11 ? 3.567   -7.112  4.603   1.00 52.33 ? 10  ALA B CA  1 
ATOM   299 C  C   . ALA B 1 11 ? 2.327   -6.459  3.999   1.00 49.68 ? 10  ALA B C   1 
ATOM   300 O  O   . ALA B 1 11 ? 2.044   -5.286  4.262   1.00 52.33 ? 10  ALA B O   1 
ATOM   301 C  CB  . ALA B 1 11 ? 4.775   -6.965  3.679   1.00 67.95 ? 10  ALA B CB  1 
ATOM   302 N  N   . ALA B 1 12 ? 1.588   -7.195  3.170   1.00 51.38 ? 11  ALA B N   1 
ATOM   303 C  CA  . ALA B 1 12 ? 0.349   -6.652  2.620   1.00 53.10 ? 11  ALA B CA  1 
ATOM   304 C  C   . ALA B 1 12 ? -0.673  -6.390  3.723   1.00 51.43 ? 11  ALA B C   1 
ATOM   305 O  O   . ALA B 1 12 ? -1.271  -5.308  3.793   1.00 52.16 ? 11  ALA B O   1 
ATOM   306 C  CB  . ALA B 1 12 ? -0.218  -7.611  1.570   1.00 49.89 ? 11  ALA B CB  1 
ATOM   307 N  N   . ILE B 1 13 ? -0.890  -7.376  4.595   1.00 54.02 ? 12  ILE B N   1 
ATOM   308 C  CA  . ILE B 1 13 ? -1.832  -7.194  5.695   1.00 46.87 ? 12  ILE B CA  1 
ATOM   309 C  C   . ILE B 1 13 ? -1.388  -6.033  6.566   1.00 46.71 ? 12  ILE B C   1 
ATOM   310 O  O   . ILE B 1 13 ? -2.197  -5.183  6.970   1.00 49.38 ? 12  ILE B O   1 
ATOM   311 C  CB  . ILE B 1 13 ? -1.970  -8.497  6.504   1.00 45.56 ? 12  ILE B CB  1 
ATOM   312 C  CG1 . ILE B 1 13 ? -2.631  -9.591  5.664   1.00 41.04 ? 12  ILE B CG1 1 
ATOM   313 C  CG2 . ILE B 1 13 ? -2.769  -8.249  7.760   1.00 49.99 ? 12  ILE B CG2 1 
ATOM   314 N  N   . LYS B 1 14 ? -0.089  -5.997  6.834   1.00 54.99 ? 13  LYS B N   1 
ATOM   315 C  CA  . LYS B 1 14 ? 0.496   -4.931  7.677   1.00 48.59 ? 13  LYS B CA  1 
ATOM   316 C  C   . LYS B 1 14 ? 0.242   -3.590  6.997   1.00 51.80 ? 13  LYS B C   1 
ATOM   317 O  O   . LYS B 1 14 ? -0.087  -2.637  7.694   1.00 57.30 ? 13  LYS B O   1 
ATOM   318 C  CB  . LYS B 1 14 ? 1.953   -5.257  8.007   1.00 50.43 ? 13  LYS B CB  1 
ATOM   319 C  CG  . LYS B 1 14 ? 2.115   -6.360  9.046   1.00 49.26 ? 13  LYS B CG  1 
ATOM   320 C  CD  . LYS B 1 14 ? 3.531   -6.840  9.232   1.00 44.50 ? 13  LYS B CD  1 
ATOM   321 N  N   . GLN B 1 15 ? 0.338   -3.541  5.672   1.00 56.65 ? 14  GLN B N   1 
ATOM   322 C  CA  . GLN B 1 15 ? 0.090   -2.288  4.976   1.00 52.03 ? 14  GLN B CA  1 
ATOM   323 C  C   . GLN B 1 15 ? -1.391  -1.934  4.966   1.00 46.30 ? 14  GLN B C   1 
ATOM   324 O  O   . GLN B 1 15 ? -1.733  -0.751  5.029   1.00 54.20 ? 14  GLN B O   1 
ATOM   325 C  CB  . GLN B 1 15 ? 0.697   -2.330  3.571   1.00 58.96 ? 14  GLN B CB  1 
ATOM   326 C  CG  . GLN B 1 15 ? 2.223   -2.160  3.580   1.00 60.47 ? 14  GLN B CG  1 
ATOM   327 C  CD  . GLN B 1 15 ? 2.841   -2.112  2.190   1.00 67.87 ? 14  GLN B CD  1 
ATOM   328 O  OE1 . GLN B 1 15 ? 2.245   -2.576  1.214   1.00 69.41 ? 14  GLN B OE1 1 
ATOM   329 N  NE2 . GLN B 1 15 ? 4.052   -1.557  2.097   1.00 54.26 ? 14  GLN B NE2 1 
ATOM   330 N  N   . GLU B 1 16 ? -2.276  -2.934  4.966   1.00 50.79 ? 15  GLU B N   1 
ATOM   331 C  CA  . GLU B 1 16 ? -3.743  -2.664  4.985   1.00 47.83 ? 15  GLU B CA  1 
ATOM   332 C  C   . GLU B 1 16 ? -4.157  -2.164  6.372   1.00 41.67 ? 15  GLU B C   1 
ATOM   333 O  O   . GLU B 1 16 ? -5.046  -1.330  6.456   1.00 48.94 ? 15  GLU B O   1 
ATOM   334 C  CB  . GLU B 1 16 ? -4.554  -3.926  4.718   1.00 52.53 ? 15  GLU B CB  1 
ATOM   335 C  CG  . GLU B 1 16 ? -4.535  -4.391  3.279   1.00 61.91 ? 15  GLU B CG  1 
ATOM   336 C  CD  . GLU B 1 16 ? -5.694  -3.970  2.399   1.00 67.64 ? 15  GLU B CD  1 
ATOM   337 O  OE1 . GLU B 1 16 ? -6.712  -3.541  2.937   1.00 74.16 ? 15  GLU B OE1 1 
ATOM   338 O  OE2 . GLU B 1 16 ? -5.567  -4.091  1.173   1.00 72.27 ? 15  GLU B OE2 1 
ATOM   339 N  N   . ILE B 1 17 ? -3.537  -2.680  7.424   1.00 46.80 ? 16  ILE B N   1 
ATOM   340 C  CA  . ILE B 1 17 ? -3.925  -2.221  8.752   1.00 41.40 ? 16  ILE B CA  1 
ATOM   341 C  C   . ILE B 1 17 ? -3.537  -0.760  8.938   1.00 42.85 ? 16  ILE B C   1 
ATOM   342 O  O   . ILE B 1 17 ? -4.290  0.031   9.513   1.00 44.45 ? 16  ILE B O   1 
ATOM   343 C  CB  . ILE B 1 17 ? -3.302  -3.120  9.828   1.00 41.56 ? 16  ILE B CB  1 
ATOM   344 C  CG1 . ILE B 1 17 ? -3.902  -4.516  9.750   1.00 44.14 ? 16  ILE B CG1 1 
ATOM   345 C  CG2 . ILE B 1 17 ? -3.544  -2.535  11.187  1.00 44.83 ? 16  ILE B CG2 1 
ATOM   346 C  CD1 . ILE B 1 17 ? -3.325  -5.464  10.749  1.00 48.34 ? 16  ILE B CD1 1 
ATOM   347 N  N   . ALA B 1 18 ? -2.366  -0.396  8.424   1.00 51.94 ? 17  ALA B N   1 
ATOM   348 C  CA  . ALA B 1 18 ? -1.854  0.983   8.551   1.00 36.35 ? 17  ALA B CA  1 
ATOM   349 C  C   . ALA B 1 18 ? -2.821  1.968   7.906   1.00 42.93 ? 17  ALA B C   1 
ATOM   350 O  O   . ALA B 1 18 ? -2.987  3.048   8.469   1.00 51.97 ? 17  ALA B O   1 
ATOM   351 C  CB  . ALA B 1 18 ? -0.487  1.076   7.941   1.00 49.89 ? 17  ALA B CB  1 
ATOM   352 N  N   . ALA B 1 19 ? -3.440  1.593   6.790   1.00 36.92 ? 18  ALA B N   1 
ATOM   353 C  CA  . ALA B 1 19 ? -4.378  2.502   6.103   1.00 41.61 ? 18  ALA B CA  1 
ATOM   354 C  C   . ALA B 1 19 ? -5.674  2.638   6.906   1.00 38.02 ? 18  ALA B C   1 
ATOM   355 O  O   . ALA B 1 19 ? -6.243  3.731   6.900   1.00 45.34 ? 18  ALA B O   1 
ATOM   356 C  CB  . ALA B 1 19 ? -4.644  2.037   4.696   1.00 45.11 ? 18  ALA B CB  1 
ATOM   357 N  N   . ILE B 1 20 ? -6.142  1.555   7.530   1.00 45.31 ? 19  ILE B N   1 
ATOM   358 C  CA  . ILE B 1 20 ? -7.367  1.636   8.335   1.00 41.03 ? 19  ILE B CA  1 
ATOM   359 C  C   . ILE B 1 20 ? -7.177  2.600   9.499   1.00 32.22 ? 19  ILE B C   1 
ATOM   360 O  O   . ILE B 1 20 ? -8.046  3.442   9.787   1.00 36.42 ? 19  ILE B O   1 
ATOM   361 C  CB  . ILE B 1 20 ? -7.811  0.235   8.798   1.00 29.42 ? 19  ILE B CB  1 
ATOM   362 C  CG1 . ILE B 1 20 ? -8.488  -0.507  7.647   1.00 39.84 ? 19  ILE B CG1 1 
ATOM   363 C  CG2 . ILE B 1 20 ? -8.751  0.338   9.978   1.00 30.37 ? 19  ILE B CG2 1 
ATOM   364 C  CD1 . ILE B 1 20 ? -8.281  -2.001  7.667   1.00 34.24 ? 19  ILE B CD1 1 
ATOM   365 N  N   . LYS B 1 21 ? -6.019  2.519   10.154  1.00 42.44 ? 20  LYS B N   1 
ATOM   366 C  CA  . LYS B 1 21 ? -5.703  3.414   11.261  1.00 41.16 ? 20  LYS B CA  1 
ATOM   367 C  C   . LYS B 1 21 ? -5.693  4.873   10.826  1.00 36.93 ? 20  LYS B C   1 
ATOM   368 O  O   . LYS B 1 21 ? -6.080  5.753   11.608  1.00 41.98 ? 20  LYS B O   1 
ATOM   369 C  CB  . LYS B 1 21 ? -4.357  3.006   11.846  1.00 41.05 ? 20  LYS B CB  1 
ATOM   370 C  CG  . LYS B 1 21 ? -4.380  1.675   12.547  1.00 42.48 ? 20  LYS B CG  1 
ATOM   371 C  CD  . LYS B 1 21 ? -2.969  1.158   12.755  1.00 49.30 ? 20  LYS B CD  1 
ATOM   372 C  CE  . LYS B 1 21 ? -2.418  1.583   14.100  1.00 60.01 ? 20  LYS B CE  1 
ATOM   373 N  NZ  . LYS B 1 21 ? -1.389  0.630   14.594  1.00 69.84 ? 20  LYS B NZ  1 
ATOM   374 N  N   . GLN B 1 22 ? -5.324  5.139   9.568   1.00 37.80 ? 21  GLN B N   1 
ATOM   375 C  CA  . GLN B 1 22 ? -5.304  6.532   9.059   1.00 35.68 ? 21  GLN B CA  1 
ATOM   376 C  C   . GLN B 1 22 ? -6.728  7.002   8.770   1.00 39.71 ? 21  GLN B C   1 
ATOM   377 O  O   . GLN B 1 22 ? -7.012  8.172   8.989   1.00 39.75 ? 21  GLN B O   1 
ATOM   378 C  CB  . GLN B 1 22 ? -4.456  6.642   7.799   1.00 46.93 ? 21  GLN B CB  1 
ATOM   379 C  CG  . GLN B 1 22 ? -2.990  6.395   8.083   1.00 43.50 ? 21  GLN B CG  1 
ATOM   380 C  CD  . GLN B 1 22 ? -2.146  6.428   6.840   1.00 56.04 ? 21  GLN B CD  1 
ATOM   381 O  OE1 . GLN B 1 22 ? -2.625  6.184   5.742   1.00 61.28 ? 21  GLN B OE1 1 
ATOM   382 N  NE2 . GLN B 1 22 ? -0.868  6.708   7.015   1.00 62.34 ? 21  GLN B NE2 1 
ATOM   383 N  N   . GLU B 1 23 ? -7.577  6.116   8.258   1.00 36.99 ? 22  GLU B N   1 
ATOM   384 C  CA  . GLU B 1 23 ? -8.974  6.532   7.978   1.00 32.55 ? 22  GLU B CA  1 
ATOM   385 C  C   . GLU B 1 23 ? -9.699  6.776   9.300   1.00 23.25 ? 22  GLU B C   1 
ATOM   386 O  O   . GLU B 1 23 ? -10.520 7.672   9.368   1.00 29.67 ? 22  GLU B O   1 
ATOM   387 C  CB  . GLU B 1 23 ? -9.720  5.477   7.168   1.00 41.13 ? 22  GLU B CB  1 
ATOM   388 C  CG  . GLU B 1 23 ? -10.767 6.067   6.255   1.00 51.69 ? 22  GLU B CG  1 
ATOM   389 C  CD  . GLU B 1 23 ? -11.091 5.116   5.126   1.00 61.48 ? 22  GLU B CD  1 
ATOM   390 O  OE1 . GLU B 1 23 ? -10.272 4.225   4.894   1.00 68.71 ? 22  GLU B OE1 1 
ATOM   391 O  OE2 . GLU B 1 23 ? -12.158 5.254   4.505   1.00 67.95 ? 22  GLU B OE2 1 
ATOM   392 N  N   . ILE B 1 24 ? -9.424  5.955   10.292  1.00 28.62 ? 23  ILE B N   1 
ATOM   393 C  CA  . ILE B 1 24 ? -10.055 6.127   11.599  1.00 26.58 ? 23  ILE B CA  1 
ATOM   394 C  C   . ILE B 1 24 ? -9.656  7.465   12.208  1.00 28.57 ? 23  ILE B C   1 
ATOM   395 O  O   . ILE B 1 24 ? -10.484 8.178   12.787  1.00 29.48 ? 23  ILE B O   1 
ATOM   396 C  CB  . ILE B 1 24 ? -9.686  4.950   12.516  1.00 30.96 ? 23  ILE B CB  1 
ATOM   397 C  CG1 . ILE B 1 24 ? -10.444 3.680   12.110  1.00 25.63 ? 23  ILE B CG1 1 
ATOM   398 C  CG2 . ILE B 1 24 ? -9.954  5.292   13.967  1.00 35.94 ? 23  ILE B CG2 1 
ATOM   399 C  CD1 . ILE B 1 24 ? -9.877  2.419   12.753  1.00 33.67 ? 23  ILE B CD1 1 
ATOM   400 N  N   . ALA B 1 25 ? -8.383  7.835   12.072  1.00 35.67 ? 24  ALA B N   1 
ATOM   401 C  CA  . ALA B 1 25 ? -7.938  9.131   12.570  1.00 22.58 ? 24  ALA B CA  1 
ATOM   402 C  C   . ALA B 1 25 ? -8.649  10.271  11.860  1.00 30.79 ? 24  ALA B C   1 
ATOM   403 O  O   . ALA B 1 25 ? -8.985  11.278  12.490  1.00 36.88 ? 24  ALA B O   1 
ATOM   404 C  CB  . ALA B 1 25 ? -6.421  9.220   12.439  1.00 37.72 ? 24  ALA B CB  1 
ATOM   405 N  N   . ALA B 1 26 ? -8.871  10.156  10.544  1.00 27.57 ? 25  ALA B N   1 
ATOM   406 C  CA  . ALA B 1 26 ? -9.589  11.240  9.880   1.00 29.29 ? 25  ALA B CA  1 
ATOM   407 C  C   . ALA B 1 26 ? -11.037 11.320  10.343  1.00 22.93 ? 25  ALA B C   1 
ATOM   408 O  O   . ALA B 1 26 ? -11.585 12.432  10.501  1.00 29.29 ? 25  ALA B O   1 
ATOM   409 C  CB  . ALA B 1 26 ? -9.494  11.125  8.360   1.00 31.67 ? 25  ALA B CB  1 
ATOM   410 N  N   . ILE B 1 27 ? -11.697 10.175  10.567  1.00 32.58 ? 26  ILE B N   1 
ATOM   411 C  CA  . ILE B 1 27 ? -13.096 10.221  11.023  1.00 32.19 ? 26  ILE B CA  1 
ATOM   412 C  C   . ILE B 1 27 ? -13.188 10.961  12.346  1.00 20.15 ? 26  ILE B C   1 
ATOM   413 O  O   . ILE B 1 27 ? -14.152 11.702  12.612  1.00 37.89 ? 26  ILE B O   1 
ATOM   414 C  CB  . ILE B 1 27 ? -13.722 8.814   11.122  1.00 26.78 ? 26  ILE B CB  1 
ATOM   415 C  CG1 . ILE B 1 27 ? -14.112 8.296   9.745   1.00 27.21 ? 26  ILE B CG1 1 
ATOM   416 C  CG2 . ILE B 1 27 ? -15.006 8.853   11.991  1.00 28.64 ? 26  ILE B CG2 1 
ATOM   417 C  CD1 . ILE B 1 27 ? -14.218 6.786   9.712   1.00 28.58 ? 26  ILE B CD1 1 
ATOM   418 N  N   . LYS B 1 28 ? -12.176 10.795  13.174  1.00 28.26 ? 27  LYS B N   1 
ATOM   419 C  CA  . LYS B 1 28 ? -12.108 11.393  14.495  1.00 33.63 ? 27  LYS B CA  1 
ATOM   420 C  C   . LYS B 1 28 ? -11.684 12.852  14.444  1.00 32.33 ? 27  LYS B C   1 
ATOM   421 O  O   . LYS B 1 28 ? -12.316 13.704  15.081  1.00 37.82 ? 27  LYS B O   1 
ATOM   422 C  CB  . LYS B 1 28 ? -11.115 10.583  15.312  1.00 29.65 ? 27  LYS B CB  1 
ATOM   423 C  CG  . LYS B 1 28 ? -11.697 9.265   15.734  1.00 32.47 ? 27  LYS B CG  1 
ATOM   424 C  CD  . LYS B 1 28 ? -10.627 8.272   16.055  1.00 35.66 ? 27  LYS B CD  1 
ATOM   425 C  CE  . LYS B 1 28 ? -10.314 8.249   17.524  1.00 48.13 ? 27  LYS B CE  1 
ATOM   426 N  NZ  . LYS B 1 28 ? -8.908  7.809   17.712  1.00 50.22 ? 27  LYS B NZ  1 
ATOM   427 N  N   . TRP B 1 29 ? -10.580 13.109  13.734  1.00 43.54 ? 28  TRP B N   1 
ATOM   428 C  CA  . TRP B 1 29 ? -9.821  14.388  13.851  1.00 39.53 ? 28  TRP B CA  1 
ATOM   429 C  C   . TRP B 1 29 ? -9.893  15.397  12.689  1.00 39.35 ? 28  TRP B C   1 
ATOM   430 O  O   . TRP B 1 29 ? -9.532  16.539  12.927  1.00 38.27 ? 28  TRP B O   1 
ATOM   431 C  CB  . TRP B 1 29 ? -8.377  14.028  14.221  1.00 34.78 ? 28  TRP B CB  1 
ATOM   432 C  CG  . TRP B 1 29 ? -8.272  13.128  15.414  1.00 33.82 ? 28  TRP B CG  1 
ATOM   433 C  CD1 . TRP B 1 29 ? -9.064  13.146  16.520  1.00 35.39 ? 28  TRP B CD1 1 
ATOM   434 C  CD2 . TRP B 1 29 ? -7.305  12.100  15.664  1.00 28.43 ? 28  TRP B CD2 1 
ATOM   435 N  NE1 . TRP B 1 29 ? -8.697  12.176  17.401  1.00 31.14 ? 28  TRP B NE1 1 
ATOM   436 C  CE2 . TRP B 1 29 ? -7.598  11.544  16.923  1.00 29.75 ? 28  TRP B CE2 1 
ATOM   437 C  CE3 . TRP B 1 29 ? -6.216  11.596  14.963  1.00 32.57 ? 28  TRP B CE3 1 
ATOM   438 C  CZ2 . TRP B 1 29 ? -6.866  10.511  17.483  1.00 28.56 ? 28  TRP B CZ2 1 
ATOM   439 C  CZ3 . TRP B 1 29 ? -5.490  10.574  15.520  1.00 35.63 ? 28  TRP B CZ3 1 
ATOM   440 C  CH2 . TRP B 1 29 ? -5.808  10.035  16.759  1.00 37.66 ? 28  TRP B CH2 1 
ATOM   441 N  N   . GLU B 1 30 ? -10.377 15.040  11.504  1.00 45.25 ? 29  GLU B N   1 
ATOM   442 C  CA  . GLU B 1 30 ? -10.396 15.991  10.399  1.00 43.14 ? 29  GLU B CA  1 
ATOM   443 C  C   . GLU B 1 30 ? -11.319 17.166  10.704  1.00 54.09 ? 29  GLU B C   1 
ATOM   444 O  O   . GLU B 1 30 ? -12.452 16.983  11.159  1.00 44.74 ? 29  GLU B O   1 
ATOM   445 C  CB  . GLU B 1 30 ? -10.834 15.288  9.119   1.00 44.90 ? 29  GLU B CB  1 
ATOM   446 C  CG  . GLU B 1 30 ? -10.226 15.865  7.847   1.00 65.88 ? 29  GLU B CG  1 
ATOM   447 C  CD  . GLU B 1 30 ? -8.709  15.708  7.786   1.00 79.42 ? 29  GLU B CD  1 
ATOM   448 O  OE1 . GLU B 1 30 ? -8.015  16.677  7.382   1.00 68.73 ? 29  GLU B OE1 1 
ATOM   449 O  OE2 . GLU B 1 30 ? -8.212  14.618  8.149   1.00 96.43 ? 29  GLU B OE2 1 
ATOM   450 N  N   . GLY B 1 31 ? -10.833 18.375  10.445  1.00 51.10 ? 30  GLY B N   1 
ATOM   451 C  CA  . GLY B 1 31 ? -11.622 19.570  10.684  1.00 52.37 ? 30  GLY B CA  1 
ATOM   452 C  C   . GLY B 1 31 ? -11.416 20.103  12.086  1.00 50.18 ? 30  GLY B C   1 
ATOM   453 O  O   . GLY B 1 31 ? -10.746 19.460  12.902  1.00 52.44 ? 30  GLY B O   1 
HETATM 454 C  C   . ACE C 1 1  ? 13.579  -13.245 -12.773 1.00 30.39 ? 0   ACE C C   1 
HETATM 455 O  O   . ACE C 1 1  ? 13.257  -13.407 -13.951 1.00 35.42 ? 0   ACE C O   1 
HETATM 456 C  CH3 . ACE C 1 1  ? 14.296  -12.020 -12.289 1.00 36.30 ? 0   ACE C CH3 1 
ATOM   457 N  N   . GLY C 1 2  ? 13.306  -14.128 -11.818 1.00 32.33 ? 1   GLY C N   1 
ATOM   458 C  CA  . GLY C 1 2  ? 12.615  -15.373 -12.101 1.00 22.82 ? 1   GLY C CA  1 
ATOM   459 C  C   . GLY C 1 2  ? 11.137  -15.334 -11.760 1.00 31.28 ? 1   GLY C C   1 
ATOM   460 O  O   . GLY C 1 2  ? 10.571  -14.247 -11.590 1.00 31.36 ? 1   GLY C O   1 
ATOM   461 N  N   A ILE C 1 3  ? 10.512  -16.513 -11.681 0.64 25.46 ? 2   ILE C N   1 
ATOM   462 N  N   B ILE C 1 3  ? 10.533  -16.523 -11.657 0.36 25.40 ? 2   ILE C N   1 
ATOM   463 C  CA  A ILE C 1 3  ? 9.091   -16.599 -11.350 0.64 25.26 ? 2   ILE C CA  1 
ATOM   464 C  CA  B ILE C 1 3  ? 9.110   -16.640 -11.339 0.36 25.71 ? 2   ILE C CA  1 
ATOM   465 C  C   A ILE C 1 3  ? 8.798   -15.899 -10.031 0.64 30.14 ? 2   ILE C C   1 
ATOM   466 C  C   B ILE C 1 3  ? 8.793   -15.928 -10.031 0.36 30.03 ? 2   ILE C C   1 
ATOM   467 O  O   A ILE C 1 3  ? 7.796   -15.187 -9.903  0.64 28.55 ? 2   ILE C O   1 
ATOM   468 O  O   B ILE C 1 3  ? 7.774   -15.236 -9.914  0.36 28.86 ? 2   ILE C O   1 
ATOM   469 C  CB  A ILE C 1 3  ? 8.642   -18.071 -11.331 0.64 28.03 ? 2   ILE C CB  1 
ATOM   470 C  CB  B ILE C 1 3  ? 8.699   -18.126 -11.286 0.36 28.25 ? 2   ILE C CB  1 
ATOM   471 C  CG1 A ILE C 1 3  ? 8.704   -18.655 -12.750 0.64 28.42 ? 2   ILE C CG1 1 
ATOM   472 C  CG1 B ILE C 1 3  ? 9.048   -18.844 -12.601 0.36 26.78 ? 2   ILE C CG1 1 
ATOM   473 C  CG2 A ILE C 1 3  ? 7.269   -18.227 -10.642 0.64 25.95 ? 2   ILE C CG2 1 
ATOM   474 C  CG2 B ILE C 1 3  ? 7.226   -18.276 -10.886 0.36 26.42 ? 2   ILE C CG2 1 
ATOM   475 C  CD1 A ILE C 1 3  ? 8.389   -20.104 -12.795 0.64 27.70 ? 2   ILE C CD1 1 
ATOM   476 C  CD1 B ILE C 1 3  ? 8.708   -18.070 -13.852 0.36 25.51 ? 2   ILE C CD1 1 
ATOM   477 N  N   . ALA C 1 4  ? 9.656   -16.089 -9.023  1.00 24.10 ? 3   ALA C N   1 
ATOM   478 C  CA  . ALA C 1 4  ? 9.400   -15.482 -7.719  1.00 29.99 ? 3   ALA C CA  1 
ATOM   479 C  C   . ALA C 1 4  ? 9.379   -13.961 -7.807  1.00 28.25 ? 3   ALA C C   1 
ATOM   480 O  O   . ALA C 1 4  ? 8.540   -13.303 -7.176  1.00 29.71 ? 3   ALA C O   1 
ATOM   481 C  CB  . ALA C 1 4  ? 10.457  -15.923 -6.703  1.00 26.36 ? 3   ALA C CB  1 
ATOM   482 N  N   . ALA C 1 5  ? 10.289  -13.398 -8.597  1.00 26.60 ? 4   ALA C N   1 
ATOM   483 C  CA  . ALA C 1 5  ? 10.321  -11.960 -8.809  1.00 25.37 ? 4   ALA C CA  1 
ATOM   484 C  C   . ALA C 1 5  ? 9.019   -11.485 -9.434  1.00 32.22 ? 4   ALA C C   1 
ATOM   485 O  O   . ALA C 1 5  ? 8.429   -10.489 -9.004  1.00 32.69 ? 4   ALA C O   1 
ATOM   486 C  CB  . ALA C 1 5  ? 11.502  -11.607 -9.708  1.00 28.48 ? 4   ALA C CB  1 
ATOM   487 N  N   . ILE C 1 6  ? 8.550   -12.203 -10.454 1.00 27.66 ? 5   ILE C N   1 
ATOM   488 C  CA  . ILE C 1 6  ? 7.293   -11.862 -11.114 1.00 30.42 ? 5   ILE C CA  1 
ATOM   489 C  C   . ILE C 1 6  ? 6.134   -11.920 -10.131 1.00 35.72 ? 5   ILE C C   1 
ATOM   490 O  O   . ILE C 1 6  ? 5.265   -11.038 -10.129 1.00 31.88 ? 5   ILE C O   1 
ATOM   491 C  CB  . ILE C 1 6  ? 7.058   -12.799 -12.310 1.00 33.47 ? 5   ILE C CB  1 
ATOM   492 C  CG1 . ILE C 1 6  ? 8.007   -12.447 -13.455 1.00 37.03 ? 5   ILE C CG1 1 
ATOM   493 C  CG2 . ILE C 1 6  ? 5.603   -12.740 -12.750 1.00 38.50 ? 5   ILE C CG2 1 
ATOM   494 C  CD1 . ILE C 1 6  ? 8.121   -13.546 -14.478 1.00 40.98 ? 5   ILE C CD1 1 
ATOM   495 N  N   . LYS C 1 7  ? 6.076   -12.983 -9.309  1.00 25.69 ? 6   LYS C N   1 
ATOM   496 C  CA  . LYS C 1 7  ? 4.987   -13.131 -8.338  1.00 27.87 ? 6   LYS C CA  1 
ATOM   497 C  C   . LYS C 1 7  ? 5.000   -12.009 -7.307  1.00 39.71 ? 6   LYS C C   1 
ATOM   498 O  O   . LYS C 1 7  ? 3.937   -11.556 -6.860  1.00 38.31 ? 6   LYS C O   1 
ATOM   499 C  CB  . LYS C 1 7  ? 5.008   -14.536 -7.702  1.00 25.59 ? 6   LYS C CB  1 
ATOM   500 C  CG  . LYS C 1 7  ? 4.544   -15.645 -8.667  1.00 28.56 ? 6   LYS C CG  1 
ATOM   501 C  CD  . LYS C 1 7  ? 4.316   -16.982 -7.977  1.00 43.58 ? 6   LYS C CD  1 
ATOM   502 N  N   . GLN C 1 8  ? 6.183   -11.519 -6.944  1.00 36.56 ? 7   GLN C N   1 
ATOM   503 C  CA  . GLN C 1 8  ? 6.236   -10.378 -6.044  1.00 39.10 ? 7   GLN C CA  1 
ATOM   504 C  C   . GLN C 1 8  ? 5.763   -9.118  -6.746  1.00 44.01 ? 7   GLN C C   1 
ATOM   505 O  O   . GLN C 1 8  ? 5.157   -8.248  -6.116  1.00 48.97 ? 7   GLN C O   1 
ATOM   506 C  CB  . GLN C 1 8  ? 7.652   -10.189 -5.495  1.00 34.49 ? 7   GLN C CB  1 
ATOM   507 C  CG  . GLN C 1 8  ? 8.130   -11.310 -4.535  1.00 45.39 ? 7   GLN C CG  1 
ATOM   508 C  CD  . GLN C 1 8  ? 7.214   -11.523 -3.325  1.00 57.03 ? 7   GLN C CD  1 
ATOM   509 N  NE2 . GLN C 1 8  ? 7.527   -12.534 -2.500  1.00 48.13 ? 7   GLN C NE2 1 
ATOM   510 N  N   . GLU C 1 9  ? 5.981   -9.017  -8.051  1.00 38.86 ? 8   GLU C N   1 
ATOM   511 C  CA  . GLU C 1 9  ? 5.497   -7.839  -8.749  1.00 38.20 ? 8   GLU C CA  1 
ATOM   512 C  C   . GLU C 1 9  ? 3.992   -7.900  -8.989  1.00 45.59 ? 8   GLU C C   1 
ATOM   513 O  O   . GLU C 1 9  ? 3.338   -6.850  -9.046  1.00 46.52 ? 8   GLU C O   1 
ATOM   514 C  CB  . GLU C 1 9  ? 6.247   -7.682  -10.074 1.00 46.91 ? 8   GLU C CB  1 
ATOM   515 C  CG  . GLU C 1 9  ? 6.411   -6.244  -10.534 1.00 58.72 ? 8   GLU C CG  1 
ATOM   516 C  CD  . GLU C 1 9  ? 6.596   -5.291  -9.375  1.00 66.92 ? 8   GLU C CD  1 
ATOM   517 O  OE1 . GLU C 1 9  ? 7.594   -5.452  -8.630  1.00 72.23 ? 8   GLU C OE1 1 
ATOM   518 O  OE2 . GLU C 1 9  ? 5.729   -4.399  -9.202  1.00 61.18 ? 8   GLU C OE2 1 
ATOM   519 N  N   . HIS C 1 10 ? 3.423   -9.104  -9.093  1.00 40.02 ? 9   HIS C N   1 
ATOM   520 C  CA  . HIS C 1 10 ? 1.969   -9.254  -9.146  1.00 43.47 ? 9   HIS C CA  1 
ATOM   521 C  C   . HIS C 1 10 ? 1.314   -8.760  -7.868  1.00 45.94 ? 9   HIS C C   1 
ATOM   522 O  O   . HIS C 1 10 ? 0.387   -7.946  -7.904  1.00 40.07 ? 9   HIS C O   1 
ATOM   523 C  CB  . HIS C 1 10 ? 1.621   -10.723 -9.319  1.00 47.64 ? 9   HIS C CB  1 
ATOM   524 C  CG  . HIS C 1 10 ? 1.427   -11.132 -10.735 1.00 47.95 ? 9   HIS C CG  1 
ATOM   525 N  ND1 . HIS C 1 10 ? 1.570   -12.436 -11.153 1.00 52.45 ? 9   HIS C ND1 1 
ATOM   526 C  CD2 . HIS C 1 10 ? 1.081   -10.417 -11.829 1.00 58.81 ? 9   HIS C CD2 1 
ATOM   527 C  CE1 . HIS C 1 10 ? 1.331   -12.506 -12.450 1.00 60.89 ? 9   HIS C CE1 1 
ATOM   528 N  NE2 . HIS C 1 10 ? 1.030   -11.295 -12.884 1.00 59.69 ? 9   HIS C NE2 1 
ATOM   529 N  N   . ALA C 1 11 ? 1.779   -9.253  -6.720  1.00 36.80 ? 10  ALA C N   1 
ATOM   530 C  CA  . ALA C 1 11 ? 1.197   -8.824  -5.453  1.00 37.24 ? 10  ALA C CA  1 
ATOM   531 C  C   . ALA C 1 11 ? 1.269   -7.305  -5.281  1.00 48.12 ? 10  ALA C C   1 
ATOM   532 O  O   . ALA C 1 11 ? 0.340   -6.689  -4.747  1.00 49.25 ? 10  ALA C O   1 
ATOM   533 C  CB  . ALA C 1 11 ? 1.882   -9.553  -4.300  1.00 44.71 ? 10  ALA C CB  1 
ATOM   534 N  N   . ALA C 1 12 ? 2.367   -6.682  -5.716  1.00 41.10 ? 11  ALA C N   1 
ATOM   535 C  CA  . ALA C 1 12 ? 2.460   -5.224  -5.660  1.00 48.01 ? 11  ALA C CA  1 
ATOM   536 C  C   . ALA C 1 12 ? 1.406   -4.576  -6.551  1.00 48.85 ? 11  ALA C C   1 
ATOM   537 O  O   . ALA C 1 12 ? 0.731   -3.623  -6.145  1.00 46.65 ? 11  ALA C O   1 
ATOM   538 C  CB  . ALA C 1 12 ? 3.859   -4.768  -6.079  1.00 46.02 ? 11  ALA C CB  1 
ATOM   539 N  N   . ILE C 1 13 ? 1.271   -5.072  -7.788  1.00 46.10 ? 12  ILE C N   1 
ATOM   540 C  CA  . ILE C 1 13 ? 0.285   -4.528  -8.715  1.00 40.84 ? 12  ILE C CA  1 
ATOM   541 C  C   . ILE C 1 13 ? -1.112  -4.639  -8.130  1.00 45.88 ? 12  ILE C C   1 
ATOM   542 O  O   . ILE C 1 13 ? -1.892  -3.681  -8.176  1.00 40.64 ? 12  ILE C O   1 
ATOM   543 C  CB  . ILE C 1 13 ? 0.390   -5.222  -10.086 1.00 41.01 ? 12  ILE C CB  1 
ATOM   544 C  CG1 . ILE C 1 13 ? 1.550   -4.649  -10.898 1.00 41.20 ? 12  ILE C CG1 1 
ATOM   545 C  CG2 . ILE C 1 13 ? -0.899  -5.075  -10.856 1.00 42.14 ? 12  ILE C CG2 1 
ATOM   546 C  CD1 . ILE C 1 13 ? 2.038   -5.573  -12.005 1.00 49.72 ? 12  ILE C CD1 1 
ATOM   547 N  N   . LYS C 1 14 ? -1.437  -5.797  -7.537  1.00 41.58 ? 13  LYS C N   1 
ATOM   548 C  CA  . LYS C 1 14 ? -2.764  -6.006  -6.964  1.00 38.16 ? 13  LYS C CA  1 
ATOM   549 C  C   . LYS C 1 14 ? -3.014  -5.102  -5.766  1.00 42.33 ? 13  LYS C C   1 
ATOM   550 O  O   . LYS C 1 14 ? -4.165  -4.769  -5.479  1.00 39.41 ? 13  LYS C O   1 
ATOM   551 C  CB  . LYS C 1 14 ? -2.975  -7.473  -6.580  1.00 44.06 ? 13  LYS C CB  1 
ATOM   552 C  CG  . LYS C 1 14 ? -3.281  -8.405  -7.748  1.00 40.38 ? 13  LYS C CG  1 
ATOM   553 N  N   . GLN C 1 15 ? -1.957  -4.698  -5.059  1.00 44.38 ? 14  GLN C N   1 
ATOM   554 C  CA  . GLN C 1 15 ? -2.127  -3.743  -3.973  1.00 52.93 ? 14  GLN C CA  1 
ATOM   555 C  C   . GLN C 1 15 ? -2.346  -2.339  -4.502  1.00 43.93 ? 14  GLN C C   1 
ATOM   556 O  O   . GLN C 1 15 ? -3.108  -1.567  -3.912  1.00 38.81 ? 14  GLN C O   1 
ATOM   557 C  CB  . GLN C 1 15 ? -0.883  -3.731  -3.090  1.00 52.81 ? 14  GLN C CB  1 
ATOM   558 C  CG  . GLN C 1 15 ? -0.917  -4.685  -1.927  1.00 55.52 ? 14  GLN C CG  1 
ATOM   559 C  CD  . GLN C 1 15 ? 0.083   -4.279  -0.863  1.00 65.19 ? 14  GLN C CD  1 
ATOM   560 O  OE1 . GLN C 1 15 ? 1.295   -4.272  -1.095  1.00 61.55 ? 14  GLN C OE1 1 
ATOM   561 N  NE2 . GLN C 1 15 ? -0.428  -3.886  0.298   1.00 66.60 ? 14  GLN C NE2 1 
ATOM   562 N  N   . GLU C 1 16 ? -1.695  -2.002  -5.612  1.00 44.92 ? 15  GLU C N   1 
ATOM   563 C  CA  . GLU C 1 16 ? -1.939  -0.713  -6.239  1.00 35.58 ? 15  GLU C CA  1 
ATOM   564 C  C   . GLU C 1 16 ? -3.381  -0.617  -6.708  1.00 46.59 ? 15  GLU C C   1 
ATOM   565 O  O   . GLU C 1 16 ? -4.013  0.445   -6.612  1.00 39.91 ? 15  GLU C O   1 
ATOM   566 C  CB  . GLU C 1 16 ? -1.004  -0.551  -7.431  1.00 41.18 ? 15  GLU C CB  1 
ATOM   567 C  CG  . GLU C 1 16 ? -0.611  0.878   -7.668  1.00 55.63 ? 15  GLU C CG  1 
ATOM   568 C  CD  . GLU C 1 16 ? 0.612   1.256   -6.888  1.00 63.60 ? 15  GLU C CD  1 
ATOM   569 O  OE1 . GLU C 1 16 ? 1.612   0.515   -7.009  1.00 62.90 ? 15  GLU C OE1 1 
ATOM   570 O  OE2 . GLU C 1 16 ? 0.561   2.261   -6.138  1.00 70.17 ? 15  GLU C OE2 1 
ATOM   571 N  N   . ILE C 1 17 ? -3.913  -1.723  -7.225  1.00 38.84 ? 16  ILE C N   1 
ATOM   572 C  CA  . ILE C 1 17 ? -5.271  -1.723  -7.746  1.00 37.17 ? 16  ILE C CA  1 
ATOM   573 C  C   . ILE C 1 17 ? -6.287  -1.601  -6.618  1.00 41.61 ? 16  ILE C C   1 
ATOM   574 O  O   . ILE C 1 17 ? -7.285  -0.883  -6.742  1.00 35.96 ? 16  ILE C O   1 
ATOM   575 C  CB  . ILE C 1 17 ? -5.509  -2.954  -8.631  1.00 31.18 ? 16  ILE C CB  1 
ATOM   576 C  CG1 . ILE C 1 17 ? -4.667  -2.848  -9.894  1.00 36.79 ? 16  ILE C CG1 1 
ATOM   577 C  CG2 . ILE C 1 17 ? -6.969  -3.055  -8.981  1.00 43.94 ? 16  ILE C CG2 1 
ATOM   578 C  CD1 . ILE C 1 17 ? -4.807  -4.027  -10.805 1.00 41.23 ? 16  ILE C CD1 1 
ATOM   579 N  N   . ALA C 1 18 ? -6.062  -2.301  -5.508  1.00 43.28 ? 17  ALA C N   1 
ATOM   580 C  CA  . ALA C 1 18 ? -6.997  -2.235  -4.387  1.00 34.21 ? 17  ALA C CA  1 
ATOM   581 C  C   . ALA C 1 18 ? -7.092  -0.824  -3.821  1.00 35.87 ? 17  ALA C C   1 
ATOM   582 O  O   . ALA C 1 18 ? -8.185  -0.352  -3.495  1.00 38.39 ? 17  ALA C O   1 
ATOM   583 C  CB  . ALA C 1 18 ? -6.581  -3.221  -3.294  1.00 46.82 ? 17  ALA C CB  1 
ATOM   584 N  N   . ALA C 1 19 ? -5.962  -0.134  -3.687  1.00 31.74 ? 18  ALA C N   1 
ATOM   585 C  CA  . ALA C 1 19 ? -6.006  1.249   -3.220  1.00 37.57 ? 18  ALA C CA  1 
ATOM   586 C  C   . ALA C 1 19 ? -6.733  2.148   -4.218  1.00 34.71 ? 18  ALA C C   1 
ATOM   587 O  O   . ALA C 1 19 ? -7.437  3.091   -3.822  1.00 31.57 ? 18  ALA C O   1 
ATOM   588 C  CB  . ALA C 1 19 ? -4.591  1.764   -2.961  1.00 41.39 ? 18  ALA C CB  1 
ATOM   589 N  N   . ILE C 1 20 ? -6.534  1.903   -5.518  1.00 36.24 ? 19  ILE C N   1 
ATOM   590 C  CA  . ILE C 1 20 ? -7.219  2.690   -6.540  1.00 32.17 ? 19  ILE C CA  1 
ATOM   591 C  C   . ILE C 1 20 ? -8.724  2.545   -6.396  1.00 35.98 ? 19  ILE C C   1 
ATOM   592 O  O   . ILE C 1 20 ? -9.467  3.529   -6.484  1.00 26.12 ? 19  ILE C O   1 
ATOM   593 C  CB  . ILE C 1 20 ? -6.738  2.309   -7.956  1.00 26.45 ? 19  ILE C CB  1 
ATOM   594 C  CG1 . ILE C 1 20 ? -5.475  3.068   -8.318  1.00 27.61 ? 19  ILE C CG1 1 
ATOM   595 C  CG2 . ILE C 1 20 ? -7.788  2.694   -8.984  1.00 26.98 ? 19  ILE C CG2 1 
ATOM   596 C  CD1 . ILE C 1 20 ? -4.659  2.382   -9.426  1.00 33.89 ? 19  ILE C CD1 1 
ATOM   597 N  N   . LYS C 1 21 ? -9.200  1.318   -6.168  1.00 28.76 ? 20  LYS C N   1 
ATOM   598 C  CA  . LYS C 1 21 ? -10.626 1.116   -5.951  1.00 29.54 ? 20  LYS C CA  1 
ATOM   599 C  C   . LYS C 1 21 ? -11.087 1.869   -4.719  1.00 35.69 ? 20  LYS C C   1 
ATOM   600 O  O   . LYS C 1 21 ? -12.192 2.410   -4.713  1.00 30.82 ? 20  LYS C O   1 
ATOM   601 C  CB  . LYS C 1 21 ? -10.965 -0.370  -5.833  1.00 40.73 ? 20  LYS C CB  1 
ATOM   602 C  CG  . LYS C 1 21 ? -10.835 -1.152  -7.109  1.00 35.58 ? 20  LYS C CG  1 
ATOM   603 C  CD  . LYS C 1 21 ? -11.030 -2.643  -6.849  1.00 45.19 ? 20  LYS C CD  1 
ATOM   604 C  CE  . LYS C 1 21 ? -11.754 -3.301  -8.013  1.00 53.46 ? 20  LYS C CE  1 
ATOM   605 N  NZ  . LYS C 1 21 ? -11.965 -4.762  -7.806  1.00 62.27 ? 20  LYS C NZ  1 
ATOM   606 N  N   . GLN C 1 22 ? -10.233 1.965   -3.696  1.00 32.41 ? 21  GLN C N   1 
ATOM   607 C  CA  . GLN C 1 22 ? -10.585 2.721   -2.499  1.00 36.39 ? 21  GLN C CA  1 
ATOM   608 C  C   . GLN C 1 22 ? -10.693 4.210   -2.798  1.00 33.19 ? 21  GLN C C   1 
ATOM   609 O  O   . GLN C 1 22 ? -11.602 4.889   -2.300  1.00 31.14 ? 21  GLN C O   1 
ATOM   610 C  CB  . GLN C 1 22 ? -9.517  2.530   -1.436  1.00 35.35 ? 21  GLN C CB  1 
ATOM   611 C  CG  . GLN C 1 22 ? -10.035 2.336   -0.052  1.00 48.03 ? 21  GLN C CG  1 
ATOM   612 C  CD  . GLN C 1 22 ? -9.122  1.426   0.724   1.00 67.93 ? 21  GLN C CD  1 
ATOM   613 O  OE1 . GLN C 1 22 ? -8.039  1.068   0.247   1.00 58.56 ? 21  GLN C OE1 1 
ATOM   614 N  NE2 . GLN C 1 22 ? -9.534  1.055   1.933   1.00 83.35 ? 21  GLN C NE2 1 
ATOM   615 N  N   . GLU C 1 23 ? -9.769  4.740   -3.591  1.00 30.52 ? 22  GLU C N   1 
ATOM   616 C  CA  . GLU C 1 23 ? -9.838  6.184   -3.911  1.00 25.94 ? 22  GLU C CA  1 
ATOM   617 C  C   . GLU C 1 23 ? -11.065 6.444   -4.788  1.00 27.68 ? 22  GLU C C   1 
ATOM   618 O  O   . GLU C 1 23 ? -11.702 7.474   -4.617  1.00 24.79 ? 22  GLU C O   1 
ATOM   619 C  CB  . GLU C 1 23 ? -8.559  6.668   -4.585  1.00 30.33 ? 22  GLU C CB  1 
ATOM   620 C  CG  . GLU C 1 23 ? -8.392  8.168   -4.521  1.00 45.23 ? 22  GLU C CG  1 
ATOM   621 C  CD  . GLU C 1 23 ? -8.972  8.801   -3.273  1.00 58.78 ? 22  GLU C CD  1 
ATOM   622 O  OE1 . GLU C 1 23 ? -9.800  9.704   -3.402  1.00 76.86 ? 22  GLU C OE1 1 
ATOM   623 O  OE2 . GLU C 1 23 ? -8.585  8.377   -2.169  1.00 74.36 ? 22  GLU C OE2 1 
ATOM   624 N  N   . ILE C 1 24 ? -11.362 5.529   -5.698  1.00 24.14 ? 23  ILE C N   1 
ATOM   625 C  CA  . ILE C 1 24 ? -12.531 5.718   -6.552  1.00 20.25 ? 23  ILE C CA  1 
ATOM   626 C  C   . ILE C 1 24 ? -13.795 5.726   -5.698  1.00 31.38 ? 23  ILE C C   1 
ATOM   627 O  O   . ILE C 1 24 ? -14.695 6.551   -5.899  1.00 25.31 ? 23  ILE C O   1 
ATOM   628 C  CB  . ILE C 1 24 ? -12.577 4.638   -7.653  1.00 25.73 ? 23  ILE C CB  1 
ATOM   629 C  CG1 . ILE C 1 24 ? -11.511 4.925   -8.710  1.00 22.67 ? 23  ILE C CG1 1 
ATOM   630 C  CG2 . ILE C 1 24 ? -13.961 4.556   -8.286  1.00 29.65 ? 23  ILE C CG2 1 
ATOM   631 C  CD1 . ILE C 1 24 ? -11.435 3.862   -9.783  1.00 32.77 ? 23  ILE C CD1 1 
ATOM   632 N  N   . ALA C 1 25 ? -13.875 4.829   -4.707  1.00 23.56 ? 24  ALA C N   1 
ATOM   633 C  CA  . ALA C 1 25 ? -15.054 4.804   -3.844  1.00 21.34 ? 24  ALA C CA  1 
ATOM   634 C  C   . ALA C 1 25 ? -15.203 6.110   -3.094  1.00 25.43 ? 24  ALA C C   1 
ATOM   635 O  O   . ALA C 1 25 ? -16.298 6.664   -3.020  1.00 24.54 ? 24  ALA C O   1 
ATOM   636 C  CB  . ALA C 1 25 ? -15.011 3.631   -2.854  1.00 23.99 ? 24  ALA C CB  1 
ATOM   637 N  N   . ALA C 1 26 ? -14.102 6.649   -2.565  1.00 20.75 ? 25  ALA C N   1 
ATOM   638 C  CA  . ALA C 1 26 ? -14.156 7.905   -1.829  1.00 24.88 ? 25  ALA C CA  1 
ATOM   639 C  C   . ALA C 1 26 ? -14.548 9.062   -2.745  1.00 24.80 ? 25  ALA C C   1 
ATOM   640 O  O   . ALA C 1 26 ? -15.277 9.985   -2.341  1.00 20.80 ? 25  ALA C O   1 
ATOM   641 C  CB  . ALA C 1 26 ? -12.811 8.174   -1.159  1.00 21.35 ? 25  ALA C CB  1 
ATOM   642 N  N   . ILE C 1 27 ? -14.087 9.037   -3.995  1.00 22.30 ? 26  ILE C N   1 
ATOM   643 C  CA  . ILE C 1 27 ? -14.469 10.114  -4.903  1.00 20.31 ? 26  ILE C CA  1 
ATOM   644 C  C   . ILE C 1 27 ? -15.976 10.128  -5.091  1.00 23.73 ? 26  ILE C C   1 
ATOM   645 O  O   . ILE C 1 27 ? -16.615 11.192  -5.159  1.00 24.58 ? 26  ILE C O   1 
ATOM   646 C  CB  . ILE C 1 27 ? -13.739 9.979   -6.254  1.00 19.99 ? 26  ILE C CB  1 
ATOM   647 C  CG1 . ILE C 1 27 ? -12.317 10.511  -6.132  1.00 23.64 ? 26  ILE C CG1 1 
ATOM   648 C  CG2 . ILE C 1 27 ? -14.476 10.777  -7.330  1.00 23.05 ? 26  ILE C CG2 1 
ATOM   649 C  CD1 . ILE C 1 27 ? -11.386 9.970   -7.222  1.00 24.09 ? 26  ILE C CD1 1 
ATOM   650 N  N   . LYS C 1 28 ? -16.576 8.953   -5.153  1.00 21.45 ? 27  LYS C N   1 
ATOM   651 C  CA  . LYS C 1 28 ? -18.007 8.862   -5.411  1.00 19.95 ? 27  LYS C CA  1 
ATOM   652 C  C   . LYS C 1 28 ? -18.819 9.175   -4.166  1.00 25.45 ? 27  LYS C C   1 
ATOM   653 O  O   . LYS C 1 28 ? -19.801 9.933   -4.233  1.00 22.85 ? 27  LYS C O   1 
ATOM   654 C  CB  . LYS C 1 28 ? -18.342 7.462   -5.883  1.00 22.86 ? 27  LYS C CB  1 
ATOM   655 C  CG  . LYS C 1 28 ? -17.887 7.197   -7.291  1.00 19.03 ? 27  LYS C CG  1 
ATOM   656 C  CD  . LYS C 1 28 ? -18.438 5.883   -7.868  1.00 31.58 ? 27  LYS C CD  1 
ATOM   657 C  CE  . LYS C 1 28 ? -17.911 4.688   -7.128  1.00 29.00 ? 27  LYS C CE  1 
ATOM   658 N  NZ  . LYS C 1 28 ? -18.223 3.434   -7.861  1.00 45.66 ? 27  LYS C NZ  1 
ATOM   659 N  N   . TRP C 1 29 ? -18.416 8.647   -3.017  1.00 25.46 ? 28  TRP C N   1 
ATOM   660 C  CA  . TRP C 1 29 ? -19.309 8.537   -1.864  1.00 24.63 ? 28  TRP C CA  1 
ATOM   661 C  C   . TRP C 1 29 ? -18.930 9.391   -0.664  1.00 28.02 ? 28  TRP C C   1 
ATOM   662 O  O   . TRP C 1 29 ? -19.752 9.523   0.254   1.00 26.00 ? 28  TRP C O   1 
ATOM   663 C  CB  . TRP C 1 29 ? -19.454 7.065   -1.439  1.00 22.20 ? 28  TRP C CB  1 
ATOM   664 C  CG  . TRP C 1 29 ? -19.952 6.211   -2.553  1.00 22.86 ? 28  TRP C CG  1 
ATOM   665 C  CD1 . TRP C 1 29 ? -20.873 6.561   -3.506  1.00 29.63 ? 28  TRP C CD1 1 
ATOM   666 C  CD2 . TRP C 1 29 ? -19.562 4.876   -2.856  1.00 29.13 ? 28  TRP C CD2 1 
ATOM   667 N  NE1 . TRP C 1 29 ? -21.073 5.522   -4.379  1.00 31.86 ? 28  TRP C NE1 1 
ATOM   668 C  CE2 . TRP C 1 29 ? -20.287 4.469   -3.996  1.00 24.33 ? 28  TRP C CE2 1 
ATOM   669 C  CE3 . TRP C 1 29 ? -18.667 3.977   -2.277  1.00 27.62 ? 28  TRP C CE3 1 
ATOM   670 C  CZ2 . TRP C 1 29 ? -20.146 3.200   -4.570  1.00 26.24 ? 28  TRP C CZ2 1 
ATOM   671 C  CZ3 . TRP C 1 29 ? -18.525 2.706   -2.853  1.00 31.53 ? 28  TRP C CZ3 1 
ATOM   672 C  CH2 . TRP C 1 29 ? -19.254 2.340   -3.985  1.00 29.74 ? 28  TRP C CH2 1 
ATOM   673 N  N   . GLU C 1 30 ? -17.733 9.974   -0.634  1.00 28.16 ? 29  GLU C N   1 
ATOM   674 C  CA  . GLU C 1 30 ? -17.333 10.772  0.519   1.00 31.64 ? 29  GLU C CA  1 
ATOM   675 C  C   . GLU C 1 30 ? -18.313 11.918  0.719   1.00 33.32 ? 29  GLU C C   1 
ATOM   676 O  O   . GLU C 1 30 ? -18.732 12.566  -0.241  1.00 33.54 ? 29  GLU C O   1 
ATOM   677 C  CB  . GLU C 1 30 ? -15.918 11.322  0.338   1.00 29.56 ? 29  GLU C CB  1 
ATOM   678 C  CG  . GLU C 1 30 ? -15.265 11.776  1.624   1.00 33.59 ? 29  GLU C CG  1 
ATOM   679 C  CD  . GLU C 1 30 ? -15.175 10.665  2.662   1.00 47.29 ? 29  GLU C CD  1 
ATOM   680 O  OE1 . GLU C 1 30 ? -15.558 10.904  3.834   1.00 56.22 ? 29  GLU C OE1 1 
ATOM   681 O  OE2 . GLU C 1 30 ? -14.721 9.550   2.308   1.00 44.84 ? 29  GLU C OE2 1 
ATOM   682 N  N   . GLY C 1 31 ? -18.699 12.149  1.968   1.00 28.50 ? 30  GLY C N   1 
ATOM   683 C  CA  . GLY C 1 31 ? -19.648 13.199  2.281   1.00 33.71 ? 30  GLY C CA  1 
ATOM   684 C  C   . GLY C 1 31 ? -21.028 12.591  2.240   1.00 35.64 ? 30  GLY C C   1 
ATOM   685 O  O   . GLY C 1 31 ? -21.179 11.421  1.862   1.00 39.40 ? 30  GLY C O   1 
HETATM 686 N  N   . NH2 C 1 32 ? -22.030 13.369  2.637   1.00 39.77 ? 31  NH2 C N   1 
HETATM 687 CU CU  . CU  D 2 .  ? 17.150  -1.264  0.752   0.33 87.88 ? 101 CU  A CU  1 
HETATM 688 CU CU  . CU  E 2 .  ? 0.829   -15.182 8.113   0.16 73.55 ? 101 CU  B CU  1 
HETATM 689 CU CU  . CU  F 2 .  ? 2.371   -10.150 -13.962 0.33 82.86 ? 101 CU  C CU  1 
HETATM 690 O  O   . HOH G 3 .  ? 10.590  -12.433 -3.879  1.00 47.37 ? 201 HOH A O   1 
HETATM 691 O  O   . HOH G 3 .  ? 7.872   4.830   -4.562  1.00 45.21 ? 202 HOH A O   1 
HETATM 692 O  O   . HOH G 3 .  ? -10.881 17.980  -4.044  1.00 32.30 ? 203 HOH A O   1 
HETATM 693 O  O   . HOH G 3 .  ? 3.593   14.455  -3.586  1.00 37.11 ? 204 HOH A O   1 
HETATM 694 O  O   . HOH G 3 .  ? -12.754 23.252  -0.568  1.00 48.49 ? 205 HOH A O   1 
HETATM 695 O  O   . HOH G 3 .  ? 10.489  -2.853  4.156   1.00 30.00 ? 206 HOH A O   1 
HETATM 696 O  O   . HOH H 3 .  ? -7.269  18.189  9.046   1.00 39.73 ? 201 HOH B O   1 
HETATM 697 O  O   . HOH H 3 .  ? -11.171 1.875   5.186   1.00 60.20 ? 202 HOH B O   1 
HETATM 698 O  O   . HOH H 3 .  ? -5.861  16.815  5.429   1.00 48.21 ? 203 HOH B O   1 
HETATM 699 O  O   . HOH H 3 .  ? 1.206   6.868   4.559   1.00 46.37 ? 204 HOH B O   1 
HETATM 700 O  O   . HOH H 3 .  ? 1.547   9.526   5.970   1.00 44.99 ? 205 HOH B O   1 
HETATM 701 O  O   . HOH I 3 .  ? -14.339 1.449   -6.169  1.00 45.61 ? 201 HOH C O   1 
HETATM 702 O  O   . HOH I 3 .  ? -18.165 11.133  4.883   1.00 44.99 ? 202 HOH C O   1 
# 
